data_1GH2
# 
_entry.id   1GH2 
# 
_audit_conform.dict_name       mmcif_pdbx.dic 
_audit_conform.dict_version    5.398 
_audit_conform.dict_location   http://mmcif.pdb.org/dictionaries/ascii/mmcif_pdbx.dic 
# 
loop_
_database_2.database_id 
_database_2.database_code 
_database_2.pdbx_database_accession 
_database_2.pdbx_DOI 
PDB   1GH2         pdb_00001gh2 10.2210/pdb1gh2/pdb 
RCSB  RCSB001506   ?            ?                   
WWPDB D_1000001506 ?            ?                   
# 
loop_
_pdbx_audit_revision_history.ordinal 
_pdbx_audit_revision_history.data_content_type 
_pdbx_audit_revision_history.major_revision 
_pdbx_audit_revision_history.minor_revision 
_pdbx_audit_revision_history.revision_date 
1 'Structure model' 1 0 2001-05-01 
2 'Structure model' 1 1 2008-04-26 
3 'Structure model' 1 2 2011-07-13 
4 'Structure model' 1 3 2023-12-27 
5 'Structure model' 1 4 2024-11-13 
# 
_pdbx_audit_revision_details.ordinal             1 
_pdbx_audit_revision_details.revision_ordinal    1 
_pdbx_audit_revision_details.data_content_type   'Structure model' 
_pdbx_audit_revision_details.provider            repository 
_pdbx_audit_revision_details.type                'Initial release' 
_pdbx_audit_revision_details.description         ? 
_pdbx_audit_revision_details.details             ? 
# 
loop_
_pdbx_audit_revision_group.ordinal 
_pdbx_audit_revision_group.revision_ordinal 
_pdbx_audit_revision_group.data_content_type 
_pdbx_audit_revision_group.group 
1 2 'Structure model' 'Version format compliance' 
2 3 'Structure model' 'Version format compliance' 
3 4 'Structure model' 'Data collection'           
4 4 'Structure model' 'Database references'       
5 5 'Structure model' 'Structure summary'         
# 
loop_
_pdbx_audit_revision_category.ordinal 
_pdbx_audit_revision_category.revision_ordinal 
_pdbx_audit_revision_category.data_content_type 
_pdbx_audit_revision_category.category 
1 4 'Structure model' chem_comp_atom            
2 4 'Structure model' chem_comp_bond            
3 4 'Structure model' database_2                
4 4 'Structure model' struct_ref_seq_dif        
5 5 'Structure model' pdbx_entry_details        
6 5 'Structure model' pdbx_modification_feature 
# 
loop_
_pdbx_audit_revision_item.ordinal 
_pdbx_audit_revision_item.revision_ordinal 
_pdbx_audit_revision_item.data_content_type 
_pdbx_audit_revision_item.item 
1 4 'Structure model' '_database_2.pdbx_DOI'                
2 4 'Structure model' '_database_2.pdbx_database_accession' 
3 4 'Structure model' '_struct_ref_seq_dif.details'         
# 
_pdbx_database_status.status_code                     REL 
_pdbx_database_status.entry_id                        1GH2 
_pdbx_database_status.recvd_initial_deposition_date   2000-11-01 
_pdbx_database_status.deposit_site                    RCSB 
_pdbx_database_status.process_site                    RCSB 
_pdbx_database_status.status_code_sf                  ? 
_pdbx_database_status.status_code_mr                  ? 
_pdbx_database_status.SG_entry                        ? 
_pdbx_database_status.pdb_format_compatible           Y 
_pdbx_database_status.status_code_cs                  ? 
_pdbx_database_status.status_code_nmr_data            ? 
_pdbx_database_status.methods_development_category    ? 
# 
loop_
_audit_author.name 
_audit_author.pdbx_ordinal 
'Jin, J.'   1 
'Chen, X.'  2 
'Guo, Q.'   3 
'Yuan, J.'  4 
'Qiang, B.' 5 
'Rao, Z.'   6 
# 
_citation.id                        primary 
_citation.title                     'Crystal structure of the catalytic domain of a human thioredoxin-like protein.' 
_citation.journal_abbrev            Eur.J.Biochem. 
_citation.journal_volume            269 
_citation.page_first                2060 
_citation.page_last                 2068 
_citation.year                      2002 
_citation.journal_id_ASTM           EJBCAI 
_citation.country                   IX 
_citation.journal_id_ISSN           0014-2956 
_citation.journal_id_CSD            0262 
_citation.book_publisher            ? 
_citation.pdbx_database_id_PubMed   11985582 
_citation.pdbx_database_id_DOI      10.1046/j.1432-1033.2002.02844.x 
# 
loop_
_citation_author.citation_id 
_citation_author.name 
_citation_author.ordinal 
_citation_author.identifier_ORCID 
primary 'Jin, J.'     1  ? 
primary 'Chen, X.'    2  ? 
primary 'Zhou, Y.'    3  ? 
primary 'Bartlam, M.' 4  ? 
primary 'Guo, Q.'     5  ? 
primary 'Liu, Y.'     6  ? 
primary 'Sun, Y.'     7  ? 
primary 'Gao, Y.'     8  ? 
primary 'Ye, S.'      9  ? 
primary 'Li, G.'      10 ? 
primary 'Rao, Z.'     11 ? 
primary 'Qiang, B.'   12 ? 
primary 'Yuan, J.'    13 ? 
# 
loop_
_entity.id 
_entity.type 
_entity.src_method 
_entity.pdbx_description 
_entity.formula_weight 
_entity.pdbx_number_of_molecules 
_entity.pdbx_ec 
_entity.pdbx_mutation 
_entity.pdbx_fragment 
_entity.details 
1 polymer man 'THIOREDOXIN-LIKE PROTEIN' 11628.187 1  ? ? 'RESIDUES 2 - 108, CATALYTIC N-TERMINAL DOMAIN' ? 
2 water   nat water                      18.015    44 ? ? ?                                               ? 
# 
_entity_poly.entity_id                      1 
_entity_poly.type                           'polypeptide(L)' 
_entity_poly.nstd_linkage                   no 
_entity_poly.nstd_monomer                   no 
_entity_poly.pdbx_seq_one_letter_code       
;VGVKPVGSDPDFQPELSGAGSRLAVVKFTMRGCGPCLRIAPAFSSMSNKYPQAVFLEVDVHQCQGTAATNNISATPTFQF
FRNKVRIDQYQGADAVGLEEKIKQHLE
;
_entity_poly.pdbx_seq_one_letter_code_can   
;VGVKPVGSDPDFQPELSGAGSRLAVVKFTMRGCGPCLRIAPAFSSMSNKYPQAVFLEVDVHQCQGTAATNNISATPTFQF
FRNKVRIDQYQGADAVGLEEKIKQHLE
;
_entity_poly.pdbx_strand_id                 A 
_entity_poly.pdbx_target_identifier         ? 
# 
_pdbx_entity_nonpoly.entity_id   2 
_pdbx_entity_nonpoly.name        water 
_pdbx_entity_nonpoly.comp_id     HOH 
# 
loop_
_entity_poly_seq.entity_id 
_entity_poly_seq.num 
_entity_poly_seq.mon_id 
_entity_poly_seq.hetero 
1 1   VAL n 
1 2   GLY n 
1 3   VAL n 
1 4   LYS n 
1 5   PRO n 
1 6   VAL n 
1 7   GLY n 
1 8   SER n 
1 9   ASP n 
1 10  PRO n 
1 11  ASP n 
1 12  PHE n 
1 13  GLN n 
1 14  PRO n 
1 15  GLU n 
1 16  LEU n 
1 17  SER n 
1 18  GLY n 
1 19  ALA n 
1 20  GLY n 
1 21  SER n 
1 22  ARG n 
1 23  LEU n 
1 24  ALA n 
1 25  VAL n 
1 26  VAL n 
1 27  LYS n 
1 28  PHE n 
1 29  THR n 
1 30  MET n 
1 31  ARG n 
1 32  GLY n 
1 33  CYS n 
1 34  GLY n 
1 35  PRO n 
1 36  CYS n 
1 37  LEU n 
1 38  ARG n 
1 39  ILE n 
1 40  ALA n 
1 41  PRO n 
1 42  ALA n 
1 43  PHE n 
1 44  SER n 
1 45  SER n 
1 46  MET n 
1 47  SER n 
1 48  ASN n 
1 49  LYS n 
1 50  TYR n 
1 51  PRO n 
1 52  GLN n 
1 53  ALA n 
1 54  VAL n 
1 55  PHE n 
1 56  LEU n 
1 57  GLU n 
1 58  VAL n 
1 59  ASP n 
1 60  VAL n 
1 61  HIS n 
1 62  GLN n 
1 63  CYS n 
1 64  GLN n 
1 65  GLY n 
1 66  THR n 
1 67  ALA n 
1 68  ALA n 
1 69  THR n 
1 70  ASN n 
1 71  ASN n 
1 72  ILE n 
1 73  SER n 
1 74  ALA n 
1 75  THR n 
1 76  PRO n 
1 77  THR n 
1 78  PHE n 
1 79  GLN n 
1 80  PHE n 
1 81  PHE n 
1 82  ARG n 
1 83  ASN n 
1 84  LYS n 
1 85  VAL n 
1 86  ARG n 
1 87  ILE n 
1 88  ASP n 
1 89  GLN n 
1 90  TYR n 
1 91  GLN n 
1 92  GLY n 
1 93  ALA n 
1 94  ASP n 
1 95  ALA n 
1 96  VAL n 
1 97  GLY n 
1 98  LEU n 
1 99  GLU n 
1 100 GLU n 
1 101 LYS n 
1 102 ILE n 
1 103 LYS n 
1 104 GLN n 
1 105 HIS n 
1 106 LEU n 
1 107 GLU n 
# 
_entity_src_gen.entity_id                          1 
_entity_src_gen.pdbx_src_id                        1 
_entity_src_gen.pdbx_alt_source_flag               sample 
_entity_src_gen.pdbx_seq_type                      ? 
_entity_src_gen.pdbx_beg_seq_num                   ? 
_entity_src_gen.pdbx_end_seq_num                   ? 
_entity_src_gen.gene_src_common_name               human 
_entity_src_gen.gene_src_genus                     Homo 
_entity_src_gen.pdbx_gene_src_gene                 ? 
_entity_src_gen.gene_src_species                   ? 
_entity_src_gen.gene_src_strain                    ? 
_entity_src_gen.gene_src_tissue                    'FETAL BRAIN' 
_entity_src_gen.gene_src_tissue_fraction           ? 
_entity_src_gen.gene_src_details                   ? 
_entity_src_gen.pdbx_gene_src_fragment             ? 
_entity_src_gen.pdbx_gene_src_scientific_name      'Homo sapiens' 
_entity_src_gen.pdbx_gene_src_ncbi_taxonomy_id     9606 
_entity_src_gen.pdbx_gene_src_variant              ? 
_entity_src_gen.pdbx_gene_src_cell_line            ? 
_entity_src_gen.pdbx_gene_src_atcc                 ? 
_entity_src_gen.pdbx_gene_src_organ                ? 
_entity_src_gen.pdbx_gene_src_organelle            ? 
_entity_src_gen.pdbx_gene_src_cell                 ? 
_entity_src_gen.pdbx_gene_src_cellular_location    ? 
_entity_src_gen.host_org_common_name               ? 
_entity_src_gen.pdbx_host_org_scientific_name      'Escherichia coli' 
_entity_src_gen.pdbx_host_org_ncbi_taxonomy_id     562 
_entity_src_gen.host_org_genus                     Escherichia 
_entity_src_gen.pdbx_host_org_gene                 ? 
_entity_src_gen.pdbx_host_org_organ                ? 
_entity_src_gen.host_org_species                   ? 
_entity_src_gen.pdbx_host_org_tissue               ? 
_entity_src_gen.pdbx_host_org_tissue_fraction      ? 
_entity_src_gen.pdbx_host_org_strain               ? 
_entity_src_gen.pdbx_host_org_variant              ? 
_entity_src_gen.pdbx_host_org_cell_line            ? 
_entity_src_gen.pdbx_host_org_atcc                 ? 
_entity_src_gen.pdbx_host_org_culture_collection   ? 
_entity_src_gen.pdbx_host_org_cell                 ? 
_entity_src_gen.pdbx_host_org_organelle            ? 
_entity_src_gen.pdbx_host_org_cellular_location    ? 
_entity_src_gen.pdbx_host_org_vector_type          PLASMID 
_entity_src_gen.pdbx_host_org_vector               ? 
_entity_src_gen.host_org_details                   ? 
_entity_src_gen.expression_system_id               ? 
_entity_src_gen.plasmid_name                       PGEX-4T-3 
_entity_src_gen.plasmid_details                    ? 
_entity_src_gen.pdbx_description                   ? 
# 
loop_
_chem_comp.id 
_chem_comp.type 
_chem_comp.mon_nstd_flag 
_chem_comp.name 
_chem_comp.pdbx_synonyms 
_chem_comp.formula 
_chem_comp.formula_weight 
ALA 'L-peptide linking' y ALANINE         ? 'C3 H7 N O2'     89.093  
ARG 'L-peptide linking' y ARGININE        ? 'C6 H15 N4 O2 1' 175.209 
ASN 'L-peptide linking' y ASPARAGINE      ? 'C4 H8 N2 O3'    132.118 
ASP 'L-peptide linking' y 'ASPARTIC ACID' ? 'C4 H7 N O4'     133.103 
CYS 'L-peptide linking' y CYSTEINE        ? 'C3 H7 N O2 S'   121.158 
GLN 'L-peptide linking' y GLUTAMINE       ? 'C5 H10 N2 O3'   146.144 
GLU 'L-peptide linking' y 'GLUTAMIC ACID' ? 'C5 H9 N O4'     147.129 
GLY 'peptide linking'   y GLYCINE         ? 'C2 H5 N O2'     75.067  
HIS 'L-peptide linking' y HISTIDINE       ? 'C6 H10 N3 O2 1' 156.162 
HOH non-polymer         . WATER           ? 'H2 O'           18.015  
ILE 'L-peptide linking' y ISOLEUCINE      ? 'C6 H13 N O2'    131.173 
LEU 'L-peptide linking' y LEUCINE         ? 'C6 H13 N O2'    131.173 
LYS 'L-peptide linking' y LYSINE          ? 'C6 H15 N2 O2 1' 147.195 
MET 'L-peptide linking' y METHIONINE      ? 'C5 H11 N O2 S'  149.211 
PHE 'L-peptide linking' y PHENYLALANINE   ? 'C9 H11 N O2'    165.189 
PRO 'L-peptide linking' y PROLINE         ? 'C5 H9 N O2'     115.130 
SER 'L-peptide linking' y SERINE          ? 'C3 H7 N O3'     105.093 
THR 'L-peptide linking' y THREONINE       ? 'C4 H9 N O3'     119.119 
TYR 'L-peptide linking' y TYROSINE        ? 'C9 H11 N O3'    181.189 
VAL 'L-peptide linking' y VALINE          ? 'C5 H11 N O2'    117.146 
# 
loop_
_pdbx_poly_seq_scheme.asym_id 
_pdbx_poly_seq_scheme.entity_id 
_pdbx_poly_seq_scheme.seq_id 
_pdbx_poly_seq_scheme.mon_id 
_pdbx_poly_seq_scheme.ndb_seq_num 
_pdbx_poly_seq_scheme.pdb_seq_num 
_pdbx_poly_seq_scheme.auth_seq_num 
_pdbx_poly_seq_scheme.pdb_mon_id 
_pdbx_poly_seq_scheme.auth_mon_id 
_pdbx_poly_seq_scheme.pdb_strand_id 
_pdbx_poly_seq_scheme.pdb_ins_code 
_pdbx_poly_seq_scheme.hetero 
A 1 1   VAL 1   2   2   VAL VAL A . n 
A 1 2   GLY 2   3   3   GLY GLY A . n 
A 1 3   VAL 3   4   4   VAL VAL A . n 
A 1 4   LYS 4   5   5   LYS LYS A . n 
A 1 5   PRO 5   6   6   PRO PRO A . n 
A 1 6   VAL 6   7   7   VAL VAL A . n 
A 1 7   GLY 7   8   8   GLY GLY A . n 
A 1 8   SER 8   9   9   SER SER A . n 
A 1 9   ASP 9   10  10  ASP ASP A . n 
A 1 10  PRO 10  11  11  PRO PRO A . n 
A 1 11  ASP 11  12  12  ASP ASP A . n 
A 1 12  PHE 12  13  13  PHE PHE A . n 
A 1 13  GLN 13  14  14  GLN GLN A . n 
A 1 14  PRO 14  15  15  PRO PRO A . n 
A 1 15  GLU 15  16  16  GLU GLU A . n 
A 1 16  LEU 16  17  17  LEU LEU A . n 
A 1 17  SER 17  18  18  SER SER A . n 
A 1 18  GLY 18  19  19  GLY GLY A . n 
A 1 19  ALA 19  20  20  ALA ALA A . n 
A 1 20  GLY 20  21  21  GLY GLY A . n 
A 1 21  SER 21  22  22  SER SER A . n 
A 1 22  ARG 22  23  23  ARG ARG A . n 
A 1 23  LEU 23  24  24  LEU LEU A . n 
A 1 24  ALA 24  25  25  ALA ALA A . n 
A 1 25  VAL 25  26  26  VAL VAL A . n 
A 1 26  VAL 26  27  27  VAL VAL A . n 
A 1 27  LYS 27  28  28  LYS LYS A . n 
A 1 28  PHE 28  29  29  PHE PHE A . n 
A 1 29  THR 29  30  30  THR THR A . n 
A 1 30  MET 30  31  31  MET MET A . n 
A 1 31  ARG 31  32  32  ARG ARG A . n 
A 1 32  GLY 32  33  33  GLY GLY A . n 
A 1 33  CYS 33  34  34  CYS CYS A . n 
A 1 34  GLY 34  35  35  GLY GLY A . n 
A 1 35  PRO 35  36  36  PRO PRO A . n 
A 1 36  CYS 36  37  37  CYS CYS A . n 
A 1 37  LEU 37  38  38  LEU LEU A . n 
A 1 38  ARG 38  39  39  ARG ARG A . n 
A 1 39  ILE 39  40  40  ILE ILE A . n 
A 1 40  ALA 40  41  41  ALA ALA A . n 
A 1 41  PRO 41  42  42  PRO PRO A . n 
A 1 42  ALA 42  43  43  ALA ALA A . n 
A 1 43  PHE 43  44  44  PHE PHE A . n 
A 1 44  SER 44  45  45  SER SER A . n 
A 1 45  SER 45  46  46  SER SER A . n 
A 1 46  MET 46  47  47  MET MET A . n 
A 1 47  SER 47  48  48  SER SER A . n 
A 1 48  ASN 48  49  49  ASN ASN A . n 
A 1 49  LYS 49  50  50  LYS LYS A . n 
A 1 50  TYR 50  51  51  TYR TYR A . n 
A 1 51  PRO 51  52  52  PRO PRO A . n 
A 1 52  GLN 52  53  53  GLN GLN A . n 
A 1 53  ALA 53  54  54  ALA ALA A . n 
A 1 54  VAL 54  55  55  VAL VAL A . n 
A 1 55  PHE 55  56  56  PHE PHE A . n 
A 1 56  LEU 56  57  57  LEU LEU A . n 
A 1 57  GLU 57  58  58  GLU GLU A . n 
A 1 58  VAL 58  59  59  VAL VAL A . n 
A 1 59  ASP 59  60  60  ASP ASP A . n 
A 1 60  VAL 60  61  61  VAL VAL A . n 
A 1 61  HIS 61  62  62  HIS HIS A . n 
A 1 62  GLN 62  63  63  GLN GLN A . n 
A 1 63  CYS 63  64  64  CYS CYS A . n 
A 1 64  GLN 64  65  65  GLN GLN A . n 
A 1 65  GLY 65  66  66  GLY GLY A . n 
A 1 66  THR 66  67  67  THR THR A . n 
A 1 67  ALA 67  68  68  ALA ALA A . n 
A 1 68  ALA 68  69  69  ALA ALA A . n 
A 1 69  THR 69  70  70  THR THR A . n 
A 1 70  ASN 70  71  71  ASN ASN A . n 
A 1 71  ASN 71  72  72  ASN ASN A . n 
A 1 72  ILE 72  73  73  ILE ILE A . n 
A 1 73  SER 73  74  74  SER SER A . n 
A 1 74  ALA 74  75  75  ALA ALA A . n 
A 1 75  THR 75  76  76  THR THR A . n 
A 1 76  PRO 76  77  77  PRO PRO A . n 
A 1 77  THR 77  78  78  THR THR A . n 
A 1 78  PHE 78  79  79  PHE PHE A . n 
A 1 79  GLN 79  80  80  GLN GLN A . n 
A 1 80  PHE 80  81  81  PHE PHE A . n 
A 1 81  PHE 81  82  82  PHE PHE A . n 
A 1 82  ARG 82  83  83  ARG ARG A . n 
A 1 83  ASN 83  84  84  ASN ASN A . n 
A 1 84  LYS 84  85  85  LYS LYS A . n 
A 1 85  VAL 85  86  86  VAL VAL A . n 
A 1 86  ARG 86  87  87  ARG ARG A . n 
A 1 87  ILE 87  88  88  ILE ILE A . n 
A 1 88  ASP 88  89  89  ASP ASP A . n 
A 1 89  GLN 89  90  90  GLN GLN A . n 
A 1 90  TYR 90  91  91  TYR TYR A . n 
A 1 91  GLN 91  92  92  GLN GLN A . n 
A 1 92  GLY 92  93  93  GLY GLY A . n 
A 1 93  ALA 93  94  94  ALA ALA A . n 
A 1 94  ASP 94  95  95  ASP ASP A . n 
A 1 95  ALA 95  96  96  ALA ALA A . n 
A 1 96  VAL 96  97  97  VAL VAL A . n 
A 1 97  GLY 97  98  98  GLY GLY A . n 
A 1 98  LEU 98  99  99  LEU LEU A . n 
A 1 99  GLU 99  100 100 GLU GLU A . n 
A 1 100 GLU 100 101 101 GLU GLU A . n 
A 1 101 LYS 101 102 102 LYS LYS A . n 
A 1 102 ILE 102 103 103 ILE ILE A . n 
A 1 103 LYS 103 104 104 LYS LYS A . n 
A 1 104 GLN 104 105 105 GLN GLN A . n 
A 1 105 HIS 105 106 106 HIS HIS A . n 
A 1 106 LEU 106 107 107 LEU LEU A . n 
A 1 107 GLU 107 108 108 GLU GLU A . n 
# 
loop_
_pdbx_nonpoly_scheme.asym_id 
_pdbx_nonpoly_scheme.entity_id 
_pdbx_nonpoly_scheme.mon_id 
_pdbx_nonpoly_scheme.ndb_seq_num 
_pdbx_nonpoly_scheme.pdb_seq_num 
_pdbx_nonpoly_scheme.auth_seq_num 
_pdbx_nonpoly_scheme.pdb_mon_id 
_pdbx_nonpoly_scheme.auth_mon_id 
_pdbx_nonpoly_scheme.pdb_strand_id 
_pdbx_nonpoly_scheme.pdb_ins_code 
B 2 HOH 1  109 1  HOH HOH A . 
B 2 HOH 2  110 2  HOH HOH A . 
B 2 HOH 3  111 3  HOH HOH A . 
B 2 HOH 4  112 4  HOH HOH A . 
B 2 HOH 5  113 5  HOH HOH A . 
B 2 HOH 6  114 6  HOH HOH A . 
B 2 HOH 7  115 7  HOH HOH A . 
B 2 HOH 8  116 8  HOH HOH A . 
B 2 HOH 9  117 9  HOH HOH A . 
B 2 HOH 10 118 10 HOH HOH A . 
B 2 HOH 11 119 11 HOH HOH A . 
B 2 HOH 12 120 12 HOH HOH A . 
B 2 HOH 13 121 13 HOH HOH A . 
B 2 HOH 14 122 14 HOH HOH A . 
B 2 HOH 15 123 15 HOH HOH A . 
B 2 HOH 16 124 16 HOH HOH A . 
B 2 HOH 17 125 17 HOH HOH A . 
B 2 HOH 18 126 18 HOH HOH A . 
B 2 HOH 19 127 19 HOH HOH A . 
B 2 HOH 20 128 20 HOH HOH A . 
B 2 HOH 21 129 21 HOH HOH A . 
B 2 HOH 22 130 22 HOH HOH A . 
B 2 HOH 23 131 23 HOH HOH A . 
B 2 HOH 24 132 24 HOH HOH A . 
B 2 HOH 25 133 25 HOH HOH A . 
B 2 HOH 26 134 26 HOH HOH A . 
B 2 HOH 27 135 27 HOH HOH A . 
B 2 HOH 28 136 28 HOH HOH A . 
B 2 HOH 29 137 29 HOH HOH A . 
B 2 HOH 30 138 30 HOH HOH A . 
B 2 HOH 31 139 31 HOH HOH A . 
B 2 HOH 32 140 32 HOH HOH A . 
B 2 HOH 33 141 33 HOH HOH A . 
B 2 HOH 34 142 34 HOH HOH A . 
B 2 HOH 35 143 35 HOH HOH A . 
B 2 HOH 36 144 36 HOH HOH A . 
B 2 HOH 37 145 37 HOH HOH A . 
B 2 HOH 38 146 38 HOH HOH A . 
B 2 HOH 39 147 39 HOH HOH A . 
B 2 HOH 40 148 40 HOH HOH A . 
B 2 HOH 41 149 41 HOH HOH A . 
B 2 HOH 42 150 42 HOH HOH A . 
B 2 HOH 43 151 43 HOH HOH A . 
B 2 HOH 44 152 44 HOH HOH A . 
# 
loop_
_software.name 
_software.classification 
_software.version 
_software.citation_id 
_software.pdbx_ordinal 
DENZO     'data reduction' .   ? 1 
SCALEPACK 'data scaling'   .   ? 2 
AMoRE     phasing          .   ? 3 
CNS       refinement       0.9 ? 4 
# 
_cell.entry_id           1GH2 
_cell.length_a           87.5 
_cell.length_b           48.5 
_cell.length_c           29.8 
_cell.angle_alpha        90 
_cell.angle_beta         99.59 
_cell.angle_gamma        90 
_cell.Z_PDB              4 
_cell.pdbx_unique_axis   ? 
# 
_symmetry.entry_id                         1GH2 
_symmetry.space_group_name_H-M             'C 1 2 1' 
_symmetry.pdbx_full_space_group_name_H-M   ? 
_symmetry.cell_setting                     ? 
_symmetry.Int_Tables_number                5 
_symmetry.space_group_name_Hall            ? 
# 
_exptl.entry_id          1GH2 
_exptl.method            'X-RAY DIFFRACTION' 
_exptl.crystals_number   1 
# 
_exptl_crystal.id                    1 
_exptl_crystal.density_meas          ? 
_exptl_crystal.density_Matthews      2.68 
_exptl_crystal.density_percent_sol   54.12 
_exptl_crystal.description           ? 
_exptl_crystal.F_000                 ? 
_exptl_crystal.preparation           ? 
# 
_exptl_crystal_grow.crystal_id      1 
_exptl_crystal_grow.method          EVAPORATION 
_exptl_crystal_grow.temp            291.0 
_exptl_crystal_grow.temp_details    ? 
_exptl_crystal_grow.pH              5.0 
_exptl_crystal_grow.pdbx_details    'ammonium sulfate, pH 5.0, EVAPORATION, temperature 291.0K' 
_exptl_crystal_grow.pdbx_pH_range   . 
# 
_diffrn.id                     1 
_diffrn.ambient_temp           115 
_diffrn.ambient_temp_details   ? 
_diffrn.crystal_id             1 
# 
_diffrn_detector.diffrn_id              1 
_diffrn_detector.detector               'IMAGE PLATE' 
_diffrn_detector.type                   'MAR scanner 345 mm plate' 
_diffrn_detector.pdbx_collection_date   2000-08-28 
_diffrn_detector.details                ? 
# 
_diffrn_radiation.diffrn_id                        1 
_diffrn_radiation.wavelength_id                    1 
_diffrn_radiation.pdbx_monochromatic_or_laue_m_l   M 
_diffrn_radiation.monochromator                    ? 
_diffrn_radiation.pdbx_diffrn_protocol             'SINGLE WAVELENGTH' 
_diffrn_radiation.pdbx_scattering_type             x-ray 
# 
_diffrn_radiation_wavelength.id           1 
_diffrn_radiation_wavelength.wavelength   1.5418 
_diffrn_radiation_wavelength.wt           1.0 
# 
_diffrn_source.diffrn_id                   1 
_diffrn_source.source                      'ROTATING ANODE' 
_diffrn_source.type                        'RIGAKU RU200' 
_diffrn_source.pdbx_synchrotron_site       ? 
_diffrn_source.pdbx_synchrotron_beamline   ? 
_diffrn_source.pdbx_wavelength             1.5418 
_diffrn_source.pdbx_wavelength_list        ? 
# 
_reflns.entry_id                     1GH2 
_reflns.observed_criterion_sigma_F   ? 
_reflns.observed_criterion_sigma_I   -3.0 
_reflns.d_resolution_high            2.22 
_reflns.d_resolution_low             100 
_reflns.number_all                   6184 
_reflns.number_obs                   6170 
_reflns.percent_possible_obs         97.8 
_reflns.pdbx_Rmerge_I_obs            0.089 
_reflns.pdbx_netI_over_sigmaI        8.4 
_reflns.B_iso_Wilson_estimate        20.7 
_reflns.pdbx_redundancy              7.2 
_reflns.pdbx_Rsym_value              ? 
_reflns.R_free_details               ? 
_reflns.limit_h_max                  ? 
_reflns.limit_h_min                  ? 
_reflns.limit_k_max                  ? 
_reflns.limit_k_min                  ? 
_reflns.limit_l_max                  ? 
_reflns.limit_l_min                  ? 
_reflns.observed_criterion_F_max     ? 
_reflns.observed_criterion_F_min     ? 
_reflns.pdbx_chi_squared             ? 
_reflns.pdbx_scaling_rejects         ? 
_reflns.pdbx_diffrn_id               1 
_reflns.pdbx_ordinal                 1 
# 
_reflns_shell.d_res_high             2.22 
_reflns_shell.d_res_low              2.30 
_reflns_shell.percent_possible_all   98.7 
_reflns_shell.Rmerge_I_obs           0.316 
_reflns_shell.pdbx_redundancy        6.0 
_reflns_shell.number_unique_all      624 
_reflns_shell.percent_possible_obs   ? 
_reflns_shell.meanI_over_sigI_obs    ? 
_reflns_shell.pdbx_Rsym_value        ? 
_reflns_shell.number_measured_all    ? 
_reflns_shell.number_measured_obs    ? 
_reflns_shell.number_unique_obs      ? 
_reflns_shell.pdbx_chi_squared       ? 
_reflns_shell.pdbx_diffrn_id         ? 
_reflns_shell.pdbx_ordinal           1 
# 
_refine.entry_id                                 1GH2 
_refine.ls_d_res_high                            2.22 
_refine.ls_d_res_low                             15 
_refine.pdbx_ls_sigma_F                          0 
_refine.pdbx_ls_sigma_I                          0 
_refine.ls_number_reflns_all                     6026 
_refine.ls_number_reflns_obs                     5689 
_refine.ls_number_reflns_R_free                  337 
_refine.ls_percent_reflns_obs                    92.3 
_refine.ls_R_factor_all                          ? 
_refine.ls_R_factor_obs                          ? 
_refine.ls_R_factor_R_work                       0.221 
_refine.ls_R_factor_R_free                       0.253 
_refine.pdbx_stereochemistry_target_values       'Engh & Huber' 
_refine.details                                  CNS 
_refine.ls_redundancy_reflns_obs                 ? 
_refine.pdbx_data_cutoff_high_absF               ? 
_refine.pdbx_data_cutoff_low_absF                ? 
_refine.ls_number_parameters                     ? 
_refine.ls_number_restraints                     ? 
_refine.ls_percent_reflns_R_free                 ? 
_refine.ls_R_factor_R_free_error                 ? 
_refine.ls_R_factor_R_free_error_details         ? 
_refine.pdbx_method_to_determine_struct          ? 
_refine.pdbx_starting_model                      ? 
_refine.pdbx_isotropic_thermal_model             ? 
_refine.B_iso_mean                               ? 
_refine.aniso_B[1][1]                            ? 
_refine.aniso_B[1][2]                            ? 
_refine.aniso_B[1][3]                            ? 
_refine.aniso_B[2][2]                            ? 
_refine.aniso_B[2][3]                            ? 
_refine.aniso_B[3][3]                            ? 
_refine.pdbx_ls_cross_valid_method               ? 
_refine.pdbx_R_Free_selection_details            ? 
_refine.pdbx_stereochem_target_val_spec_case     ? 
_refine.solvent_model_details                    ? 
_refine.solvent_model_param_bsol                 ? 
_refine.solvent_model_param_ksol                 ? 
_refine.occupancy_max                            ? 
_refine.occupancy_min                            ? 
_refine.overall_SU_B                             ? 
_refine.overall_SU_ML                            ? 
_refine.pdbx_overall_ESU_R                       ? 
_refine.pdbx_overall_ESU_R_Free                  ? 
_refine.pdbx_data_cutoff_high_rms_absF           ? 
_refine.B_iso_min                                ? 
_refine.B_iso_max                                ? 
_refine.correlation_coeff_Fo_to_Fc               ? 
_refine.correlation_coeff_Fo_to_Fc_free          ? 
_refine.overall_SU_R_Cruickshank_DPI             ? 
_refine.overall_SU_R_free                        ? 
_refine.pdbx_solvent_vdw_probe_radii             ? 
_refine.pdbx_solvent_ion_probe_radii             ? 
_refine.pdbx_solvent_shrinkage_radii             ? 
_refine.ls_wR_factor_R_free                      ? 
_refine.ls_wR_factor_R_work                      ? 
_refine.overall_FOM_free_R_set                   ? 
_refine.overall_FOM_work_R_set                   ? 
_refine.pdbx_refine_id                           'X-RAY DIFFRACTION' 
_refine.pdbx_diffrn_id                           1 
_refine.pdbx_TLS_residual_ADP_flag               ? 
_refine.pdbx_overall_phase_error                 ? 
_refine.pdbx_overall_SU_R_free_Cruickshank_DPI   ? 
_refine.pdbx_overall_SU_R_Blow_DPI               ? 
_refine.pdbx_overall_SU_R_free_Blow_DPI          ? 
# 
_refine_hist.pdbx_refine_id                   'X-RAY DIFFRACTION' 
_refine_hist.cycle_id                         LAST 
_refine_hist.pdbx_number_atoms_protein        816 
_refine_hist.pdbx_number_atoms_nucleic_acid   0 
_refine_hist.pdbx_number_atoms_ligand         0 
_refine_hist.number_atoms_solvent             44 
_refine_hist.number_atoms_total               860 
_refine_hist.d_res_high                       2.22 
_refine_hist.d_res_low                        15 
# 
loop_
_refine_ls_restr.type 
_refine_ls_restr.dev_ideal 
_refine_ls_restr.dev_ideal_target 
_refine_ls_restr.number 
_refine_ls_restr.weight 
_refine_ls_restr.pdbx_refine_id 
_refine_ls_restr.pdbx_restraint_function 
c_bond_d  0.019 ? ? ? 'X-RAY DIFFRACTION' ? 
c_angle_d 1.975 ? ? ? 'X-RAY DIFFRACTION' ? 
# 
_struct.entry_id                  1GH2 
_struct.title                     'Crystal structure of the catalytic domain of a new human thioredoxin-like protein' 
_struct.pdbx_model_details        ? 
_struct.pdbx_CASP_flag            ? 
_struct.pdbx_model_type_details   ? 
# 
_struct_keywords.entry_id        1GH2 
_struct_keywords.pdbx_keywords   'ELECTRON TRANSPORT' 
_struct_keywords.text            'Redox-active center, Electron transport' 
# 
loop_
_struct_asym.id 
_struct_asym.pdbx_blank_PDB_chainid_flag 
_struct_asym.pdbx_modified 
_struct_asym.entity_id 
_struct_asym.details 
A N N 1 ? 
B N N 2 ? 
# 
_struct_ref.id                         1 
_struct_ref.db_name                    UNP 
_struct_ref.db_code                    TXNL1_HUMAN 
_struct_ref.entity_id                  1 
_struct_ref.pdbx_seq_one_letter_code   
;VGVKPVGSDPDFQPELSGAGSRLAVVKFTMRGCGPCLRIAPAFSSMSNKYPQAVFLEVDVHQCQGTAATNNISATPTFLF
FRNKVRIDQYQGADAVGLEEKIKQHLE
;
_struct_ref.pdbx_align_begin           2 
_struct_ref.pdbx_db_accession          O43396 
_struct_ref.pdbx_db_isoform            ? 
# 
_struct_ref_seq.align_id                      1 
_struct_ref_seq.ref_id                        1 
_struct_ref_seq.pdbx_PDB_id_code              1GH2 
_struct_ref_seq.pdbx_strand_id                A 
_struct_ref_seq.seq_align_beg                 1 
_struct_ref_seq.pdbx_seq_align_beg_ins_code   ? 
_struct_ref_seq.seq_align_end                 107 
_struct_ref_seq.pdbx_seq_align_end_ins_code   ? 
_struct_ref_seq.pdbx_db_accession             O43396 
_struct_ref_seq.db_align_beg                  2 
_struct_ref_seq.pdbx_db_align_beg_ins_code    ? 
_struct_ref_seq.db_align_end                  108 
_struct_ref_seq.pdbx_db_align_end_ins_code    ? 
_struct_ref_seq.pdbx_auth_seq_align_beg       2 
_struct_ref_seq.pdbx_auth_seq_align_end       108 
# 
_struct_ref_seq_dif.align_id                     1 
_struct_ref_seq_dif.pdbx_pdb_id_code             1GH2 
_struct_ref_seq_dif.mon_id                       GLN 
_struct_ref_seq_dif.pdbx_pdb_strand_id           A 
_struct_ref_seq_dif.seq_num                      79 
_struct_ref_seq_dif.pdbx_pdb_ins_code            ? 
_struct_ref_seq_dif.pdbx_seq_db_name             UNP 
_struct_ref_seq_dif.pdbx_seq_db_accession_code   O43396 
_struct_ref_seq_dif.db_mon_id                    LEU 
_struct_ref_seq_dif.pdbx_seq_db_seq_num          80 
_struct_ref_seq_dif.details                      conflict 
_struct_ref_seq_dif.pdbx_auth_seq_num            80 
_struct_ref_seq_dif.pdbx_ordinal                 1 
# 
_pdbx_struct_assembly.id                   1 
_pdbx_struct_assembly.details              author_defined_assembly 
_pdbx_struct_assembly.method_details       ? 
_pdbx_struct_assembly.oligomeric_details   monomeric 
_pdbx_struct_assembly.oligomeric_count     1 
# 
_pdbx_struct_assembly_gen.assembly_id       1 
_pdbx_struct_assembly_gen.oper_expression   1 
_pdbx_struct_assembly_gen.asym_id_list      A,B 
# 
_pdbx_struct_oper_list.id                   1 
_pdbx_struct_oper_list.type                 'identity operation' 
_pdbx_struct_oper_list.name                 1_555 
_pdbx_struct_oper_list.symmetry_operation   x,y,z 
_pdbx_struct_oper_list.matrix[1][1]         1.0000000000 
_pdbx_struct_oper_list.matrix[1][2]         0.0000000000 
_pdbx_struct_oper_list.matrix[1][3]         0.0000000000 
_pdbx_struct_oper_list.vector[1]            0.0000000000 
_pdbx_struct_oper_list.matrix[2][1]         0.0000000000 
_pdbx_struct_oper_list.matrix[2][2]         1.0000000000 
_pdbx_struct_oper_list.matrix[2][3]         0.0000000000 
_pdbx_struct_oper_list.vector[2]            0.0000000000 
_pdbx_struct_oper_list.matrix[3][1]         0.0000000000 
_pdbx_struct_oper_list.matrix[3][2]         0.0000000000 
_pdbx_struct_oper_list.matrix[3][3]         1.0000000000 
_pdbx_struct_oper_list.vector[3]            0.0000000000 
# 
_struct_biol.id                    1 
_struct_biol.pdbx_parent_biol_id   ? 
_struct_biol.details               ? 
# 
loop_
_struct_conf.conf_type_id 
_struct_conf.id 
_struct_conf.pdbx_PDB_helix_id 
_struct_conf.beg_label_comp_id 
_struct_conf.beg_label_asym_id 
_struct_conf.beg_label_seq_id 
_struct_conf.pdbx_beg_PDB_ins_code 
_struct_conf.end_label_comp_id 
_struct_conf.end_label_asym_id 
_struct_conf.end_label_seq_id 
_struct_conf.pdbx_end_PDB_ins_code 
_struct_conf.beg_auth_comp_id 
_struct_conf.beg_auth_asym_id 
_struct_conf.beg_auth_seq_id 
_struct_conf.end_auth_comp_id 
_struct_conf.end_auth_asym_id 
_struct_conf.end_auth_seq_id 
_struct_conf.pdbx_PDB_helix_class 
_struct_conf.details 
_struct_conf.pdbx_PDB_helix_length 
HELX_P HELX_P1 1 SER A 8  ? PRO A 10  ? SER A 9  PRO A 11  5 ? 3  
HELX_P HELX_P2 2 ASP A 11 ? ALA A 19  ? ASP A 12 ALA A 20  1 ? 9  
HELX_P HELX_P3 3 CYS A 33 ? TYR A 50  ? CYS A 34 TYR A 51  1 ? 18 
HELX_P HELX_P4 4 CYS A 63 ? ASN A 70  ? CYS A 64 ASN A 71  1 ? 8  
HELX_P HELX_P5 5 ASP A 94 ? GLU A 107 ? ASP A 95 GLU A 108 1 ? 14 
# 
_struct_conf_type.id          HELX_P 
_struct_conf_type.criteria    ? 
_struct_conf_type.reference   ? 
# 
_struct_conn.id                            disulf1 
_struct_conn.conn_type_id                  disulf 
_struct_conn.pdbx_leaving_atom_flag        ? 
_struct_conn.pdbx_PDB_id                   ? 
_struct_conn.ptnr1_label_asym_id           A 
_struct_conn.ptnr1_label_comp_id           CYS 
_struct_conn.ptnr1_label_seq_id            33 
_struct_conn.ptnr1_label_atom_id           SG 
_struct_conn.pdbx_ptnr1_label_alt_id       ? 
_struct_conn.pdbx_ptnr1_PDB_ins_code       ? 
_struct_conn.pdbx_ptnr1_standard_comp_id   ? 
_struct_conn.ptnr1_symmetry                1_555 
_struct_conn.ptnr2_label_asym_id           A 
_struct_conn.ptnr2_label_comp_id           CYS 
_struct_conn.ptnr2_label_seq_id            36 
_struct_conn.ptnr2_label_atom_id           SG 
_struct_conn.pdbx_ptnr2_label_alt_id       ? 
_struct_conn.pdbx_ptnr2_PDB_ins_code       ? 
_struct_conn.ptnr1_auth_asym_id            A 
_struct_conn.ptnr1_auth_comp_id            CYS 
_struct_conn.ptnr1_auth_seq_id             34 
_struct_conn.ptnr2_auth_asym_id            A 
_struct_conn.ptnr2_auth_comp_id            CYS 
_struct_conn.ptnr2_auth_seq_id             37 
_struct_conn.ptnr2_symmetry                1_555 
_struct_conn.pdbx_ptnr3_label_atom_id      ? 
_struct_conn.pdbx_ptnr3_label_seq_id       ? 
_struct_conn.pdbx_ptnr3_label_comp_id      ? 
_struct_conn.pdbx_ptnr3_label_asym_id      ? 
_struct_conn.pdbx_ptnr3_label_alt_id       ? 
_struct_conn.pdbx_ptnr3_PDB_ins_code       ? 
_struct_conn.details                       ? 
_struct_conn.pdbx_dist_value               2.045 
_struct_conn.pdbx_value_order              ? 
_struct_conn.pdbx_role                     ? 
# 
_struct_conn_type.id          disulf 
_struct_conn_type.criteria    ? 
_struct_conn_type.reference   ? 
# 
_pdbx_modification_feature.ordinal                            1 
_pdbx_modification_feature.label_comp_id                      CYS 
_pdbx_modification_feature.label_asym_id                      A 
_pdbx_modification_feature.label_seq_id                       33 
_pdbx_modification_feature.label_alt_id                       ? 
_pdbx_modification_feature.modified_residue_label_comp_id     CYS 
_pdbx_modification_feature.modified_residue_label_asym_id     A 
_pdbx_modification_feature.modified_residue_label_seq_id      36 
_pdbx_modification_feature.modified_residue_label_alt_id      ? 
_pdbx_modification_feature.auth_comp_id                       CYS 
_pdbx_modification_feature.auth_asym_id                       A 
_pdbx_modification_feature.auth_seq_id                        34 
_pdbx_modification_feature.PDB_ins_code                       ? 
_pdbx_modification_feature.symmetry                           1_555 
_pdbx_modification_feature.modified_residue_auth_comp_id      CYS 
_pdbx_modification_feature.modified_residue_auth_asym_id      A 
_pdbx_modification_feature.modified_residue_auth_seq_id       37 
_pdbx_modification_feature.modified_residue_PDB_ins_code      ? 
_pdbx_modification_feature.modified_residue_symmetry          1_555 
_pdbx_modification_feature.comp_id_linking_atom               SG 
_pdbx_modification_feature.modified_residue_id_linking_atom   SG 
_pdbx_modification_feature.modified_residue_id                . 
_pdbx_modification_feature.ref_pcm_id                         . 
_pdbx_modification_feature.ref_comp_id                        . 
_pdbx_modification_feature.type                               None 
_pdbx_modification_feature.category                           'Disulfide bridge' 
# 
_struct_mon_prot_cis.pdbx_id                1 
_struct_mon_prot_cis.label_comp_id          THR 
_struct_mon_prot_cis.label_seq_id           75 
_struct_mon_prot_cis.label_asym_id          A 
_struct_mon_prot_cis.label_alt_id           . 
_struct_mon_prot_cis.pdbx_PDB_ins_code      ? 
_struct_mon_prot_cis.auth_comp_id           THR 
_struct_mon_prot_cis.auth_seq_id            76 
_struct_mon_prot_cis.auth_asym_id           A 
_struct_mon_prot_cis.pdbx_label_comp_id_2   PRO 
_struct_mon_prot_cis.pdbx_label_seq_id_2    76 
_struct_mon_prot_cis.pdbx_label_asym_id_2   A 
_struct_mon_prot_cis.pdbx_PDB_ins_code_2    ? 
_struct_mon_prot_cis.pdbx_auth_comp_id_2    PRO 
_struct_mon_prot_cis.pdbx_auth_seq_id_2     77 
_struct_mon_prot_cis.pdbx_auth_asym_id_2    A 
_struct_mon_prot_cis.pdbx_PDB_model_num     1 
_struct_mon_prot_cis.pdbx_omega_angle       0.04 
# 
_struct_sheet.id               A 
_struct_sheet.type             ? 
_struct_sheet.number_strands   5 
_struct_sheet.details          ? 
# 
loop_
_struct_sheet_order.sheet_id 
_struct_sheet_order.range_id_1 
_struct_sheet_order.range_id_2 
_struct_sheet_order.offset 
_struct_sheet_order.sense 
A 1 2 ? parallel      
A 2 3 ? parallel      
A 3 4 ? anti-parallel 
A 4 5 ? anti-parallel 
# 
loop_
_struct_sheet_range.sheet_id 
_struct_sheet_range.id 
_struct_sheet_range.beg_label_comp_id 
_struct_sheet_range.beg_label_asym_id 
_struct_sheet_range.beg_label_seq_id 
_struct_sheet_range.pdbx_beg_PDB_ins_code 
_struct_sheet_range.end_label_comp_id 
_struct_sheet_range.end_label_asym_id 
_struct_sheet_range.end_label_seq_id 
_struct_sheet_range.pdbx_end_PDB_ins_code 
_struct_sheet_range.beg_auth_comp_id 
_struct_sheet_range.beg_auth_asym_id 
_struct_sheet_range.beg_auth_seq_id 
_struct_sheet_range.end_auth_comp_id 
_struct_sheet_range.end_auth_asym_id 
_struct_sheet_range.end_auth_seq_id 
A 1 VAL A 3  ? VAL A 6  ? VAL A 4  VAL A 7  
A 2 VAL A 54 ? ASP A 59 ? VAL A 55 ASP A 60 
A 3 ALA A 24 ? THR A 29 ? ALA A 25 THR A 30 
A 4 THR A 77 ? ARG A 82 ? THR A 78 ARG A 83 
A 5 VAL A 85 ? GLN A 91 ? VAL A 86 GLN A 92 
# 
loop_
_pdbx_struct_sheet_hbond.sheet_id 
_pdbx_struct_sheet_hbond.range_id_1 
_pdbx_struct_sheet_hbond.range_id_2 
_pdbx_struct_sheet_hbond.range_1_label_atom_id 
_pdbx_struct_sheet_hbond.range_1_label_comp_id 
_pdbx_struct_sheet_hbond.range_1_label_asym_id 
_pdbx_struct_sheet_hbond.range_1_label_seq_id 
_pdbx_struct_sheet_hbond.range_1_PDB_ins_code 
_pdbx_struct_sheet_hbond.range_1_auth_atom_id 
_pdbx_struct_sheet_hbond.range_1_auth_comp_id 
_pdbx_struct_sheet_hbond.range_1_auth_asym_id 
_pdbx_struct_sheet_hbond.range_1_auth_seq_id 
_pdbx_struct_sheet_hbond.range_2_label_atom_id 
_pdbx_struct_sheet_hbond.range_2_label_comp_id 
_pdbx_struct_sheet_hbond.range_2_label_asym_id 
_pdbx_struct_sheet_hbond.range_2_label_seq_id 
_pdbx_struct_sheet_hbond.range_2_PDB_ins_code 
_pdbx_struct_sheet_hbond.range_2_auth_atom_id 
_pdbx_struct_sheet_hbond.range_2_auth_comp_id 
_pdbx_struct_sheet_hbond.range_2_auth_asym_id 
_pdbx_struct_sheet_hbond.range_2_auth_seq_id 
A 1 2 N LYS A 4  ? N LYS A 5  O PHE A 55 ? O PHE A 56 
A 2 3 O VAL A 54 ? O VAL A 55 N VAL A 25 ? N VAL A 26 
A 3 4 N PHE A 28 ? N PHE A 29 O THR A 77 ? O THR A 78 
A 4 5 O ARG A 82 ? O ARG A 83 N VAL A 85 ? N VAL A 86 
# 
_pdbx_entry_details.entry_id                   1GH2 
_pdbx_entry_details.compound_details           ? 
_pdbx_entry_details.source_details             ? 
_pdbx_entry_details.nonpolymer_details         ? 
_pdbx_entry_details.sequence_details           ? 
_pdbx_entry_details.has_ligand_of_interest     ? 
_pdbx_entry_details.has_protein_modification   Y 
# 
_pdbx_validate_symm_contact.id                1 
_pdbx_validate_symm_contact.PDB_model_num     1 
_pdbx_validate_symm_contact.auth_atom_id_1    NH2 
_pdbx_validate_symm_contact.auth_asym_id_1    A 
_pdbx_validate_symm_contact.auth_comp_id_1    ARG 
_pdbx_validate_symm_contact.auth_seq_id_1     32 
_pdbx_validate_symm_contact.PDB_ins_code_1    ? 
_pdbx_validate_symm_contact.label_alt_id_1    ? 
_pdbx_validate_symm_contact.site_symmetry_1   1_555 
_pdbx_validate_symm_contact.auth_atom_id_2    NH2 
_pdbx_validate_symm_contact.auth_asym_id_2    A 
_pdbx_validate_symm_contact.auth_comp_id_2    ARG 
_pdbx_validate_symm_contact.auth_seq_id_2     32 
_pdbx_validate_symm_contact.PDB_ins_code_2    ? 
_pdbx_validate_symm_contact.label_alt_id_2    ? 
_pdbx_validate_symm_contact.site_symmetry_2   2_655 
_pdbx_validate_symm_contact.dist              1.57 
# 
loop_
_chem_comp_atom.comp_id 
_chem_comp_atom.atom_id 
_chem_comp_atom.type_symbol 
_chem_comp_atom.pdbx_aromatic_flag 
_chem_comp_atom.pdbx_stereo_config 
_chem_comp_atom.pdbx_ordinal 
ALA N    N N N 1   
ALA CA   C N S 2   
ALA C    C N N 3   
ALA O    O N N 4   
ALA CB   C N N 5   
ALA OXT  O N N 6   
ALA H    H N N 7   
ALA H2   H N N 8   
ALA HA   H N N 9   
ALA HB1  H N N 10  
ALA HB2  H N N 11  
ALA HB3  H N N 12  
ALA HXT  H N N 13  
ARG N    N N N 14  
ARG CA   C N S 15  
ARG C    C N N 16  
ARG O    O N N 17  
ARG CB   C N N 18  
ARG CG   C N N 19  
ARG CD   C N N 20  
ARG NE   N N N 21  
ARG CZ   C N N 22  
ARG NH1  N N N 23  
ARG NH2  N N N 24  
ARG OXT  O N N 25  
ARG H    H N N 26  
ARG H2   H N N 27  
ARG HA   H N N 28  
ARG HB2  H N N 29  
ARG HB3  H N N 30  
ARG HG2  H N N 31  
ARG HG3  H N N 32  
ARG HD2  H N N 33  
ARG HD3  H N N 34  
ARG HE   H N N 35  
ARG HH11 H N N 36  
ARG HH12 H N N 37  
ARG HH21 H N N 38  
ARG HH22 H N N 39  
ARG HXT  H N N 40  
ASN N    N N N 41  
ASN CA   C N S 42  
ASN C    C N N 43  
ASN O    O N N 44  
ASN CB   C N N 45  
ASN CG   C N N 46  
ASN OD1  O N N 47  
ASN ND2  N N N 48  
ASN OXT  O N N 49  
ASN H    H N N 50  
ASN H2   H N N 51  
ASN HA   H N N 52  
ASN HB2  H N N 53  
ASN HB3  H N N 54  
ASN HD21 H N N 55  
ASN HD22 H N N 56  
ASN HXT  H N N 57  
ASP N    N N N 58  
ASP CA   C N S 59  
ASP C    C N N 60  
ASP O    O N N 61  
ASP CB   C N N 62  
ASP CG   C N N 63  
ASP OD1  O N N 64  
ASP OD2  O N N 65  
ASP OXT  O N N 66  
ASP H    H N N 67  
ASP H2   H N N 68  
ASP HA   H N N 69  
ASP HB2  H N N 70  
ASP HB3  H N N 71  
ASP HD2  H N N 72  
ASP HXT  H N N 73  
CYS N    N N N 74  
CYS CA   C N R 75  
CYS C    C N N 76  
CYS O    O N N 77  
CYS CB   C N N 78  
CYS SG   S N N 79  
CYS OXT  O N N 80  
CYS H    H N N 81  
CYS H2   H N N 82  
CYS HA   H N N 83  
CYS HB2  H N N 84  
CYS HB3  H N N 85  
CYS HG   H N N 86  
CYS HXT  H N N 87  
GLN N    N N N 88  
GLN CA   C N S 89  
GLN C    C N N 90  
GLN O    O N N 91  
GLN CB   C N N 92  
GLN CG   C N N 93  
GLN CD   C N N 94  
GLN OE1  O N N 95  
GLN NE2  N N N 96  
GLN OXT  O N N 97  
GLN H    H N N 98  
GLN H2   H N N 99  
GLN HA   H N N 100 
GLN HB2  H N N 101 
GLN HB3  H N N 102 
GLN HG2  H N N 103 
GLN HG3  H N N 104 
GLN HE21 H N N 105 
GLN HE22 H N N 106 
GLN HXT  H N N 107 
GLU N    N N N 108 
GLU CA   C N S 109 
GLU C    C N N 110 
GLU O    O N N 111 
GLU CB   C N N 112 
GLU CG   C N N 113 
GLU CD   C N N 114 
GLU OE1  O N N 115 
GLU OE2  O N N 116 
GLU OXT  O N N 117 
GLU H    H N N 118 
GLU H2   H N N 119 
GLU HA   H N N 120 
GLU HB2  H N N 121 
GLU HB3  H N N 122 
GLU HG2  H N N 123 
GLU HG3  H N N 124 
GLU HE2  H N N 125 
GLU HXT  H N N 126 
GLY N    N N N 127 
GLY CA   C N N 128 
GLY C    C N N 129 
GLY O    O N N 130 
GLY OXT  O N N 131 
GLY H    H N N 132 
GLY H2   H N N 133 
GLY HA2  H N N 134 
GLY HA3  H N N 135 
GLY HXT  H N N 136 
HIS N    N N N 137 
HIS CA   C N S 138 
HIS C    C N N 139 
HIS O    O N N 140 
HIS CB   C N N 141 
HIS CG   C Y N 142 
HIS ND1  N Y N 143 
HIS CD2  C Y N 144 
HIS CE1  C Y N 145 
HIS NE2  N Y N 146 
HIS OXT  O N N 147 
HIS H    H N N 148 
HIS H2   H N N 149 
HIS HA   H N N 150 
HIS HB2  H N N 151 
HIS HB3  H N N 152 
HIS HD1  H N N 153 
HIS HD2  H N N 154 
HIS HE1  H N N 155 
HIS HE2  H N N 156 
HIS HXT  H N N 157 
HOH O    O N N 158 
HOH H1   H N N 159 
HOH H2   H N N 160 
ILE N    N N N 161 
ILE CA   C N S 162 
ILE C    C N N 163 
ILE O    O N N 164 
ILE CB   C N S 165 
ILE CG1  C N N 166 
ILE CG2  C N N 167 
ILE CD1  C N N 168 
ILE OXT  O N N 169 
ILE H    H N N 170 
ILE H2   H N N 171 
ILE HA   H N N 172 
ILE HB   H N N 173 
ILE HG12 H N N 174 
ILE HG13 H N N 175 
ILE HG21 H N N 176 
ILE HG22 H N N 177 
ILE HG23 H N N 178 
ILE HD11 H N N 179 
ILE HD12 H N N 180 
ILE HD13 H N N 181 
ILE HXT  H N N 182 
LEU N    N N N 183 
LEU CA   C N S 184 
LEU C    C N N 185 
LEU O    O N N 186 
LEU CB   C N N 187 
LEU CG   C N N 188 
LEU CD1  C N N 189 
LEU CD2  C N N 190 
LEU OXT  O N N 191 
LEU H    H N N 192 
LEU H2   H N N 193 
LEU HA   H N N 194 
LEU HB2  H N N 195 
LEU HB3  H N N 196 
LEU HG   H N N 197 
LEU HD11 H N N 198 
LEU HD12 H N N 199 
LEU HD13 H N N 200 
LEU HD21 H N N 201 
LEU HD22 H N N 202 
LEU HD23 H N N 203 
LEU HXT  H N N 204 
LYS N    N N N 205 
LYS CA   C N S 206 
LYS C    C N N 207 
LYS O    O N N 208 
LYS CB   C N N 209 
LYS CG   C N N 210 
LYS CD   C N N 211 
LYS CE   C N N 212 
LYS NZ   N N N 213 
LYS OXT  O N N 214 
LYS H    H N N 215 
LYS H2   H N N 216 
LYS HA   H N N 217 
LYS HB2  H N N 218 
LYS HB3  H N N 219 
LYS HG2  H N N 220 
LYS HG3  H N N 221 
LYS HD2  H N N 222 
LYS HD3  H N N 223 
LYS HE2  H N N 224 
LYS HE3  H N N 225 
LYS HZ1  H N N 226 
LYS HZ2  H N N 227 
LYS HZ3  H N N 228 
LYS HXT  H N N 229 
MET N    N N N 230 
MET CA   C N S 231 
MET C    C N N 232 
MET O    O N N 233 
MET CB   C N N 234 
MET CG   C N N 235 
MET SD   S N N 236 
MET CE   C N N 237 
MET OXT  O N N 238 
MET H    H N N 239 
MET H2   H N N 240 
MET HA   H N N 241 
MET HB2  H N N 242 
MET HB3  H N N 243 
MET HG2  H N N 244 
MET HG3  H N N 245 
MET HE1  H N N 246 
MET HE2  H N N 247 
MET HE3  H N N 248 
MET HXT  H N N 249 
PHE N    N N N 250 
PHE CA   C N S 251 
PHE C    C N N 252 
PHE O    O N N 253 
PHE CB   C N N 254 
PHE CG   C Y N 255 
PHE CD1  C Y N 256 
PHE CD2  C Y N 257 
PHE CE1  C Y N 258 
PHE CE2  C Y N 259 
PHE CZ   C Y N 260 
PHE OXT  O N N 261 
PHE H    H N N 262 
PHE H2   H N N 263 
PHE HA   H N N 264 
PHE HB2  H N N 265 
PHE HB3  H N N 266 
PHE HD1  H N N 267 
PHE HD2  H N N 268 
PHE HE1  H N N 269 
PHE HE2  H N N 270 
PHE HZ   H N N 271 
PHE HXT  H N N 272 
PRO N    N N N 273 
PRO CA   C N S 274 
PRO C    C N N 275 
PRO O    O N N 276 
PRO CB   C N N 277 
PRO CG   C N N 278 
PRO CD   C N N 279 
PRO OXT  O N N 280 
PRO H    H N N 281 
PRO HA   H N N 282 
PRO HB2  H N N 283 
PRO HB3  H N N 284 
PRO HG2  H N N 285 
PRO HG3  H N N 286 
PRO HD2  H N N 287 
PRO HD3  H N N 288 
PRO HXT  H N N 289 
SER N    N N N 290 
SER CA   C N S 291 
SER C    C N N 292 
SER O    O N N 293 
SER CB   C N N 294 
SER OG   O N N 295 
SER OXT  O N N 296 
SER H    H N N 297 
SER H2   H N N 298 
SER HA   H N N 299 
SER HB2  H N N 300 
SER HB3  H N N 301 
SER HG   H N N 302 
SER HXT  H N N 303 
THR N    N N N 304 
THR CA   C N S 305 
THR C    C N N 306 
THR O    O N N 307 
THR CB   C N R 308 
THR OG1  O N N 309 
THR CG2  C N N 310 
THR OXT  O N N 311 
THR H    H N N 312 
THR H2   H N N 313 
THR HA   H N N 314 
THR HB   H N N 315 
THR HG1  H N N 316 
THR HG21 H N N 317 
THR HG22 H N N 318 
THR HG23 H N N 319 
THR HXT  H N N 320 
TYR N    N N N 321 
TYR CA   C N S 322 
TYR C    C N N 323 
TYR O    O N N 324 
TYR CB   C N N 325 
TYR CG   C Y N 326 
TYR CD1  C Y N 327 
TYR CD2  C Y N 328 
TYR CE1  C Y N 329 
TYR CE2  C Y N 330 
TYR CZ   C Y N 331 
TYR OH   O N N 332 
TYR OXT  O N N 333 
TYR H    H N N 334 
TYR H2   H N N 335 
TYR HA   H N N 336 
TYR HB2  H N N 337 
TYR HB3  H N N 338 
TYR HD1  H N N 339 
TYR HD2  H N N 340 
TYR HE1  H N N 341 
TYR HE2  H N N 342 
TYR HH   H N N 343 
TYR HXT  H N N 344 
VAL N    N N N 345 
VAL CA   C N S 346 
VAL C    C N N 347 
VAL O    O N N 348 
VAL CB   C N N 349 
VAL CG1  C N N 350 
VAL CG2  C N N 351 
VAL OXT  O N N 352 
VAL H    H N N 353 
VAL H2   H N N 354 
VAL HA   H N N 355 
VAL HB   H N N 356 
VAL HG11 H N N 357 
VAL HG12 H N N 358 
VAL HG13 H N N 359 
VAL HG21 H N N 360 
VAL HG22 H N N 361 
VAL HG23 H N N 362 
VAL HXT  H N N 363 
# 
loop_
_chem_comp_bond.comp_id 
_chem_comp_bond.atom_id_1 
_chem_comp_bond.atom_id_2 
_chem_comp_bond.value_order 
_chem_comp_bond.pdbx_aromatic_flag 
_chem_comp_bond.pdbx_stereo_config 
_chem_comp_bond.pdbx_ordinal 
ALA N   CA   sing N N 1   
ALA N   H    sing N N 2   
ALA N   H2   sing N N 3   
ALA CA  C    sing N N 4   
ALA CA  CB   sing N N 5   
ALA CA  HA   sing N N 6   
ALA C   O    doub N N 7   
ALA C   OXT  sing N N 8   
ALA CB  HB1  sing N N 9   
ALA CB  HB2  sing N N 10  
ALA CB  HB3  sing N N 11  
ALA OXT HXT  sing N N 12  
ARG N   CA   sing N N 13  
ARG N   H    sing N N 14  
ARG N   H2   sing N N 15  
ARG CA  C    sing N N 16  
ARG CA  CB   sing N N 17  
ARG CA  HA   sing N N 18  
ARG C   O    doub N N 19  
ARG C   OXT  sing N N 20  
ARG CB  CG   sing N N 21  
ARG CB  HB2  sing N N 22  
ARG CB  HB3  sing N N 23  
ARG CG  CD   sing N N 24  
ARG CG  HG2  sing N N 25  
ARG CG  HG3  sing N N 26  
ARG CD  NE   sing N N 27  
ARG CD  HD2  sing N N 28  
ARG CD  HD3  sing N N 29  
ARG NE  CZ   sing N N 30  
ARG NE  HE   sing N N 31  
ARG CZ  NH1  sing N N 32  
ARG CZ  NH2  doub N N 33  
ARG NH1 HH11 sing N N 34  
ARG NH1 HH12 sing N N 35  
ARG NH2 HH21 sing N N 36  
ARG NH2 HH22 sing N N 37  
ARG OXT HXT  sing N N 38  
ASN N   CA   sing N N 39  
ASN N   H    sing N N 40  
ASN N   H2   sing N N 41  
ASN CA  C    sing N N 42  
ASN CA  CB   sing N N 43  
ASN CA  HA   sing N N 44  
ASN C   O    doub N N 45  
ASN C   OXT  sing N N 46  
ASN CB  CG   sing N N 47  
ASN CB  HB2  sing N N 48  
ASN CB  HB3  sing N N 49  
ASN CG  OD1  doub N N 50  
ASN CG  ND2  sing N N 51  
ASN ND2 HD21 sing N N 52  
ASN ND2 HD22 sing N N 53  
ASN OXT HXT  sing N N 54  
ASP N   CA   sing N N 55  
ASP N   H    sing N N 56  
ASP N   H2   sing N N 57  
ASP CA  C    sing N N 58  
ASP CA  CB   sing N N 59  
ASP CA  HA   sing N N 60  
ASP C   O    doub N N 61  
ASP C   OXT  sing N N 62  
ASP CB  CG   sing N N 63  
ASP CB  HB2  sing N N 64  
ASP CB  HB3  sing N N 65  
ASP CG  OD1  doub N N 66  
ASP CG  OD2  sing N N 67  
ASP OD2 HD2  sing N N 68  
ASP OXT HXT  sing N N 69  
CYS N   CA   sing N N 70  
CYS N   H    sing N N 71  
CYS N   H2   sing N N 72  
CYS CA  C    sing N N 73  
CYS CA  CB   sing N N 74  
CYS CA  HA   sing N N 75  
CYS C   O    doub N N 76  
CYS C   OXT  sing N N 77  
CYS CB  SG   sing N N 78  
CYS CB  HB2  sing N N 79  
CYS CB  HB3  sing N N 80  
CYS SG  HG   sing N N 81  
CYS OXT HXT  sing N N 82  
GLN N   CA   sing N N 83  
GLN N   H    sing N N 84  
GLN N   H2   sing N N 85  
GLN CA  C    sing N N 86  
GLN CA  CB   sing N N 87  
GLN CA  HA   sing N N 88  
GLN C   O    doub N N 89  
GLN C   OXT  sing N N 90  
GLN CB  CG   sing N N 91  
GLN CB  HB2  sing N N 92  
GLN CB  HB3  sing N N 93  
GLN CG  CD   sing N N 94  
GLN CG  HG2  sing N N 95  
GLN CG  HG3  sing N N 96  
GLN CD  OE1  doub N N 97  
GLN CD  NE2  sing N N 98  
GLN NE2 HE21 sing N N 99  
GLN NE2 HE22 sing N N 100 
GLN OXT HXT  sing N N 101 
GLU N   CA   sing N N 102 
GLU N   H    sing N N 103 
GLU N   H2   sing N N 104 
GLU CA  C    sing N N 105 
GLU CA  CB   sing N N 106 
GLU CA  HA   sing N N 107 
GLU C   O    doub N N 108 
GLU C   OXT  sing N N 109 
GLU CB  CG   sing N N 110 
GLU CB  HB2  sing N N 111 
GLU CB  HB3  sing N N 112 
GLU CG  CD   sing N N 113 
GLU CG  HG2  sing N N 114 
GLU CG  HG3  sing N N 115 
GLU CD  OE1  doub N N 116 
GLU CD  OE2  sing N N 117 
GLU OE2 HE2  sing N N 118 
GLU OXT HXT  sing N N 119 
GLY N   CA   sing N N 120 
GLY N   H    sing N N 121 
GLY N   H2   sing N N 122 
GLY CA  C    sing N N 123 
GLY CA  HA2  sing N N 124 
GLY CA  HA3  sing N N 125 
GLY C   O    doub N N 126 
GLY C   OXT  sing N N 127 
GLY OXT HXT  sing N N 128 
HIS N   CA   sing N N 129 
HIS N   H    sing N N 130 
HIS N   H2   sing N N 131 
HIS CA  C    sing N N 132 
HIS CA  CB   sing N N 133 
HIS CA  HA   sing N N 134 
HIS C   O    doub N N 135 
HIS C   OXT  sing N N 136 
HIS CB  CG   sing N N 137 
HIS CB  HB2  sing N N 138 
HIS CB  HB3  sing N N 139 
HIS CG  ND1  sing Y N 140 
HIS CG  CD2  doub Y N 141 
HIS ND1 CE1  doub Y N 142 
HIS ND1 HD1  sing N N 143 
HIS CD2 NE2  sing Y N 144 
HIS CD2 HD2  sing N N 145 
HIS CE1 NE2  sing Y N 146 
HIS CE1 HE1  sing N N 147 
HIS NE2 HE2  sing N N 148 
HIS OXT HXT  sing N N 149 
HOH O   H1   sing N N 150 
HOH O   H2   sing N N 151 
ILE N   CA   sing N N 152 
ILE N   H    sing N N 153 
ILE N   H2   sing N N 154 
ILE CA  C    sing N N 155 
ILE CA  CB   sing N N 156 
ILE CA  HA   sing N N 157 
ILE C   O    doub N N 158 
ILE C   OXT  sing N N 159 
ILE CB  CG1  sing N N 160 
ILE CB  CG2  sing N N 161 
ILE CB  HB   sing N N 162 
ILE CG1 CD1  sing N N 163 
ILE CG1 HG12 sing N N 164 
ILE CG1 HG13 sing N N 165 
ILE CG2 HG21 sing N N 166 
ILE CG2 HG22 sing N N 167 
ILE CG2 HG23 sing N N 168 
ILE CD1 HD11 sing N N 169 
ILE CD1 HD12 sing N N 170 
ILE CD1 HD13 sing N N 171 
ILE OXT HXT  sing N N 172 
LEU N   CA   sing N N 173 
LEU N   H    sing N N 174 
LEU N   H2   sing N N 175 
LEU CA  C    sing N N 176 
LEU CA  CB   sing N N 177 
LEU CA  HA   sing N N 178 
LEU C   O    doub N N 179 
LEU C   OXT  sing N N 180 
LEU CB  CG   sing N N 181 
LEU CB  HB2  sing N N 182 
LEU CB  HB3  sing N N 183 
LEU CG  CD1  sing N N 184 
LEU CG  CD2  sing N N 185 
LEU CG  HG   sing N N 186 
LEU CD1 HD11 sing N N 187 
LEU CD1 HD12 sing N N 188 
LEU CD1 HD13 sing N N 189 
LEU CD2 HD21 sing N N 190 
LEU CD2 HD22 sing N N 191 
LEU CD2 HD23 sing N N 192 
LEU OXT HXT  sing N N 193 
LYS N   CA   sing N N 194 
LYS N   H    sing N N 195 
LYS N   H2   sing N N 196 
LYS CA  C    sing N N 197 
LYS CA  CB   sing N N 198 
LYS CA  HA   sing N N 199 
LYS C   O    doub N N 200 
LYS C   OXT  sing N N 201 
LYS CB  CG   sing N N 202 
LYS CB  HB2  sing N N 203 
LYS CB  HB3  sing N N 204 
LYS CG  CD   sing N N 205 
LYS CG  HG2  sing N N 206 
LYS CG  HG3  sing N N 207 
LYS CD  CE   sing N N 208 
LYS CD  HD2  sing N N 209 
LYS CD  HD3  sing N N 210 
LYS CE  NZ   sing N N 211 
LYS CE  HE2  sing N N 212 
LYS CE  HE3  sing N N 213 
LYS NZ  HZ1  sing N N 214 
LYS NZ  HZ2  sing N N 215 
LYS NZ  HZ3  sing N N 216 
LYS OXT HXT  sing N N 217 
MET N   CA   sing N N 218 
MET N   H    sing N N 219 
MET N   H2   sing N N 220 
MET CA  C    sing N N 221 
MET CA  CB   sing N N 222 
MET CA  HA   sing N N 223 
MET C   O    doub N N 224 
MET C   OXT  sing N N 225 
MET CB  CG   sing N N 226 
MET CB  HB2  sing N N 227 
MET CB  HB3  sing N N 228 
MET CG  SD   sing N N 229 
MET CG  HG2  sing N N 230 
MET CG  HG3  sing N N 231 
MET SD  CE   sing N N 232 
MET CE  HE1  sing N N 233 
MET CE  HE2  sing N N 234 
MET CE  HE3  sing N N 235 
MET OXT HXT  sing N N 236 
PHE N   CA   sing N N 237 
PHE N   H    sing N N 238 
PHE N   H2   sing N N 239 
PHE CA  C    sing N N 240 
PHE CA  CB   sing N N 241 
PHE CA  HA   sing N N 242 
PHE C   O    doub N N 243 
PHE C   OXT  sing N N 244 
PHE CB  CG   sing N N 245 
PHE CB  HB2  sing N N 246 
PHE CB  HB3  sing N N 247 
PHE CG  CD1  doub Y N 248 
PHE CG  CD2  sing Y N 249 
PHE CD1 CE1  sing Y N 250 
PHE CD1 HD1  sing N N 251 
PHE CD2 CE2  doub Y N 252 
PHE CD2 HD2  sing N N 253 
PHE CE1 CZ   doub Y N 254 
PHE CE1 HE1  sing N N 255 
PHE CE2 CZ   sing Y N 256 
PHE CE2 HE2  sing N N 257 
PHE CZ  HZ   sing N N 258 
PHE OXT HXT  sing N N 259 
PRO N   CA   sing N N 260 
PRO N   CD   sing N N 261 
PRO N   H    sing N N 262 
PRO CA  C    sing N N 263 
PRO CA  CB   sing N N 264 
PRO CA  HA   sing N N 265 
PRO C   O    doub N N 266 
PRO C   OXT  sing N N 267 
PRO CB  CG   sing N N 268 
PRO CB  HB2  sing N N 269 
PRO CB  HB3  sing N N 270 
PRO CG  CD   sing N N 271 
PRO CG  HG2  sing N N 272 
PRO CG  HG3  sing N N 273 
PRO CD  HD2  sing N N 274 
PRO CD  HD3  sing N N 275 
PRO OXT HXT  sing N N 276 
SER N   CA   sing N N 277 
SER N   H    sing N N 278 
SER N   H2   sing N N 279 
SER CA  C    sing N N 280 
SER CA  CB   sing N N 281 
SER CA  HA   sing N N 282 
SER C   O    doub N N 283 
SER C   OXT  sing N N 284 
SER CB  OG   sing N N 285 
SER CB  HB2  sing N N 286 
SER CB  HB3  sing N N 287 
SER OG  HG   sing N N 288 
SER OXT HXT  sing N N 289 
THR N   CA   sing N N 290 
THR N   H    sing N N 291 
THR N   H2   sing N N 292 
THR CA  C    sing N N 293 
THR CA  CB   sing N N 294 
THR CA  HA   sing N N 295 
THR C   O    doub N N 296 
THR C   OXT  sing N N 297 
THR CB  OG1  sing N N 298 
THR CB  CG2  sing N N 299 
THR CB  HB   sing N N 300 
THR OG1 HG1  sing N N 301 
THR CG2 HG21 sing N N 302 
THR CG2 HG22 sing N N 303 
THR CG2 HG23 sing N N 304 
THR OXT HXT  sing N N 305 
TYR N   CA   sing N N 306 
TYR N   H    sing N N 307 
TYR N   H2   sing N N 308 
TYR CA  C    sing N N 309 
TYR CA  CB   sing N N 310 
TYR CA  HA   sing N N 311 
TYR C   O    doub N N 312 
TYR C   OXT  sing N N 313 
TYR CB  CG   sing N N 314 
TYR CB  HB2  sing N N 315 
TYR CB  HB3  sing N N 316 
TYR CG  CD1  doub Y N 317 
TYR CG  CD2  sing Y N 318 
TYR CD1 CE1  sing Y N 319 
TYR CD1 HD1  sing N N 320 
TYR CD2 CE2  doub Y N 321 
TYR CD2 HD2  sing N N 322 
TYR CE1 CZ   doub Y N 323 
TYR CE1 HE1  sing N N 324 
TYR CE2 CZ   sing Y N 325 
TYR CE2 HE2  sing N N 326 
TYR CZ  OH   sing N N 327 
TYR OH  HH   sing N N 328 
TYR OXT HXT  sing N N 329 
VAL N   CA   sing N N 330 
VAL N   H    sing N N 331 
VAL N   H2   sing N N 332 
VAL CA  C    sing N N 333 
VAL CA  CB   sing N N 334 
VAL CA  HA   sing N N 335 
VAL C   O    doub N N 336 
VAL C   OXT  sing N N 337 
VAL CB  CG1  sing N N 338 
VAL CB  CG2  sing N N 339 
VAL CB  HB   sing N N 340 
VAL CG1 HG11 sing N N 341 
VAL CG1 HG12 sing N N 342 
VAL CG1 HG13 sing N N 343 
VAL CG2 HG21 sing N N 344 
VAL CG2 HG22 sing N N 345 
VAL CG2 HG23 sing N N 346 
VAL OXT HXT  sing N N 347 
# 
_atom_sites.entry_id                    1GH2 
_atom_sites.fract_transf_matrix[1][1]   0.00582260 
_atom_sites.fract_transf_matrix[1][2]   0.00024569 
_atom_sites.fract_transf_matrix[1][3]   -0.01001937 
_atom_sites.fract_transf_matrix[2][1]   -0.01775659 
_atom_sites.fract_transf_matrix[2][2]   0.00210423 
_atom_sites.fract_transf_matrix[2][3]   -0.01026737 
_atom_sites.fract_transf_matrix[3][1]   0.00545422 
_atom_sites.fract_transf_matrix[3][2]   0.03349480 
_atom_sites.fract_transf_matrix[3][3]   -0.00256809 
_atom_sites.fract_transf_vector[1]      0.701396 
_atom_sites.fract_transf_vector[2]      0.524977 
_atom_sites.fract_transf_vector[3]      0.006029 
# 
loop_
_atom_type.symbol 
C 
N 
O 
S 
# 
loop_
_atom_site.group_PDB 
_atom_site.id 
_atom_site.type_symbol 
_atom_site.label_atom_id 
_atom_site.label_alt_id 
_atom_site.label_comp_id 
_atom_site.label_asym_id 
_atom_site.label_entity_id 
_atom_site.label_seq_id 
_atom_site.pdbx_PDB_ins_code 
_atom_site.Cartn_x 
_atom_site.Cartn_y 
_atom_site.Cartn_z 
_atom_site.occupancy 
_atom_site.B_iso_or_equiv 
_atom_site.pdbx_formal_charge 
_atom_site.auth_seq_id 
_atom_site.auth_comp_id 
_atom_site.auth_asym_id 
_atom_site.auth_atom_id 
_atom_site.pdbx_PDB_model_num 
ATOM   1   N N   . VAL A 1 1   ? -12.274 8.141   -5.287  1.00 39.94 ? 2   VAL A N   1 
ATOM   2   C CA  . VAL A 1 1   ? -10.817 8.138   -5.629  1.00 41.08 ? 2   VAL A CA  1 
ATOM   3   C C   . VAL A 1 1   ? -9.928  7.952   -4.362  1.00 40.89 ? 2   VAL A C   1 
ATOM   4   O O   . VAL A 1 1   ? -10.395 7.368   -3.357  1.00 40.28 ? 2   VAL A O   1 
ATOM   5   C CB  . VAL A 1 1   ? -10.445 9.459   -6.404  1.00 41.80 ? 2   VAL A CB  1 
ATOM   6   C CG1 . VAL A 1 1   ? -10.934 9.343   -7.853  1.00 41.64 ? 2   VAL A CG1 1 
ATOM   7   C CG2 . VAL A 1 1   ? -11.103 10.712  -5.719  1.00 42.10 ? 2   VAL A CG2 1 
ATOM   8   N N   . GLY A 1 2   ? -8.662  8.400   -4.425  1.00 39.67 ? 3   GLY A N   1 
ATOM   9   C CA  . GLY A 1 2   ? -7.746  8.300   -3.282  1.00 36.25 ? 3   GLY A CA  1 
ATOM   10  C C   . GLY A 1 2   ? -7.158  6.926   -2.946  1.00 33.98 ? 3   GLY A C   1 
ATOM   11  O O   . GLY A 1 2   ? -6.624  6.238   -3.824  1.00 33.78 ? 3   GLY A O   1 
ATOM   12  N N   . VAL A 1 3   ? -7.226  6.543   -1.664  1.00 30.84 ? 4   VAL A N   1 
ATOM   13  C CA  . VAL A 1 3   ? -6.734  5.244   -1.219  1.00 27.85 ? 4   VAL A CA  1 
ATOM   14  C C   . VAL A 1 3   ? -7.886  4.239   -1.312  1.00 27.93 ? 4   VAL A C   1 
ATOM   15  O O   . VAL A 1 3   ? -8.879  4.400   -0.655  1.00 24.96 ? 4   VAL A O   1 
ATOM   16  C CB  . VAL A 1 3   ? -6.253  5.321   0.203   1.00 27.65 ? 4   VAL A CB  1 
ATOM   17  C CG1 . VAL A 1 3   ? -5.676  3.973   0.632   1.00 26.72 ? 4   VAL A CG1 1 
ATOM   18  C CG2 . VAL A 1 3   ? -5.227  6.408   0.304   1.00 26.59 ? 4   VAL A CG2 1 
ATOM   19  N N   . LYS A 1 4   ? -7.740  3.219   -2.162  1.00 28.03 ? 5   LYS A N   1 
ATOM   20  C CA  . LYS A 1 4   ? -8.752  2.172   -2.410  1.00 26.79 ? 5   LYS A CA  1 
ATOM   21  C C   . LYS A 1 4   ? -8.571  0.982   -1.449  1.00 25.34 ? 5   LYS A C   1 
ATOM   22  O O   . LYS A 1 4   ? -7.504  0.397   -1.374  1.00 24.56 ? 5   LYS A O   1 
ATOM   23  C CB  . LYS A 1 4   ? -8.562  1.664   -3.829  1.00 26.47 ? 5   LYS A CB  1 
ATOM   24  C CG  . LYS A 1 4   ? -9.776  1.160   -4.552  1.00 29.22 ? 5   LYS A CG  1 
ATOM   25  C CD  . LYS A 1 4   ? -10.632 0.149   -3.815  1.00 30.53 ? 5   LYS A CD  1 
ATOM   26  C CE  . LYS A 1 4   ? -11.539 -0.523  -4.843  1.00 27.95 ? 5   LYS A CE  1 
ATOM   27  N NZ  . LYS A 1 4   ? -12.592 -1.325  -4.212  1.00 28.31 ? 5   LYS A NZ  1 
ATOM   28  N N   . PRO A 1 5   ? -9.617  0.633   -0.698  1.00 24.76 ? 6   PRO A N   1 
ATOM   29  C CA  . PRO A 1 5   ? -9.671  -0.463  0.267   1.00 24.52 ? 6   PRO A CA  1 
ATOM   30  C C   . PRO A 1 5   ? -9.899  -1.794  -0.474  1.00 24.45 ? 6   PRO A C   1 
ATOM   31  O O   . PRO A 1 5   ? -10.652 -1.842  -1.450  1.00 23.62 ? 6   PRO A O   1 
ATOM   32  C CB  . PRO A 1 5   ? -10.863 -0.112  1.135   1.00 24.89 ? 6   PRO A CB  1 
ATOM   33  C CG  . PRO A 1 5   ? -11.161 1.361   0.793   1.00 24.71 ? 6   PRO A CG  1 
ATOM   34  C CD  . PRO A 1 5   ? -10.825 1.471   -0.622  1.00 24.19 ? 6   PRO A CD  1 
ATOM   35  N N   . VAL A 1 6   ? -9.193  -2.840  -0.049  1.00 24.57 ? 7   VAL A N   1 
ATOM   36  C CA  . VAL A 1 6   ? -9.309  -4.174  -0.643  1.00 24.61 ? 7   VAL A CA  1 
ATOM   37  C C   . VAL A 1 6   ? -10.099 -4.874  0.445   1.00 25.39 ? 7   VAL A C   1 
ATOM   38  O O   . VAL A 1 6   ? -9.593  -5.132  1.540   1.00 25.29 ? 7   VAL A O   1 
ATOM   39  C CB  . VAL A 1 6   ? -7.916  -4.848  -0.809  1.00 25.51 ? 7   VAL A CB  1 
ATOM   40  C CG1 . VAL A 1 6   ? -8.059  -6.231  -1.511  1.00 24.42 ? 7   VAL A CG1 1 
ATOM   41  C CG2 . VAL A 1 6   ? -7.010  -3.961  -1.618  1.00 24.40 ? 7   VAL A CG2 1 
ATOM   42  N N   . GLY A 1 7   ? -11.344 -5.190  0.143   1.00 26.12 ? 8   GLY A N   1 
ATOM   43  C CA  . GLY A 1 7   ? -12.219 -5.761  1.160   1.00 26.40 ? 8   GLY A CA  1 
ATOM   44  C C   . GLY A 1 7   ? -12.050 -7.185  1.605   1.00 26.90 ? 8   GLY A C   1 
ATOM   45  O O   . GLY A 1 7   ? -12.644 -7.578  2.616   1.00 27.77 ? 8   GLY A O   1 
ATOM   46  N N   . SER A 1 8   ? -11.259 -7.966  0.877   1.00 26.18 ? 9   SER A N   1 
ATOM   47  C CA  . SER A 1 8   ? -11.062 -9.386  1.202   1.00 25.03 ? 9   SER A CA  1 
ATOM   48  C C   . SER A 1 8   ? -9.988  -9.925  0.284   1.00 23.33 ? 9   SER A C   1 
ATOM   49  O O   . SER A 1 8   ? -9.709  -9.295  -0.726  1.00 23.70 ? 9   SER A O   1 
ATOM   50  C CB  . SER A 1 8   ? -12.386 -10.178 1.019   1.00 23.91 ? 9   SER A CB  1 
ATOM   51  O OG  . SER A 1 8   ? -12.860 -10.198 -0.346  1.00 24.96 ? 9   SER A OG  1 
ATOM   52  N N   . ASP A 1 9   ? -9.401  -11.085 0.603   1.00 22.30 ? 10  ASP A N   1 
ATOM   53  C CA  . ASP A 1 9   ? -8.315  -11.666 -0.219  1.00 21.32 ? 10  ASP A CA  1 
ATOM   54  C C   . ASP A 1 9   ? -8.563  -11.854 -1.726  1.00 21.15 ? 10  ASP A C   1 
ATOM   55  O O   . ASP A 1 9   ? -7.702  -11.527 -2.544  1.00 20.67 ? 10  ASP A O   1 
ATOM   56  C CB  . ASP A 1 9   ? -7.848  -13.018 0.371   1.00 21.70 ? 10  ASP A CB  1 
ATOM   57  C CG  . ASP A 1 9   ? -7.121  -12.871 1.723   1.00 19.89 ? 10  ASP A CG  1 
ATOM   58  O OD1 . ASP A 1 9   ? -6.418  -11.872 1.888   1.00 21.45 ? 10  ASP A OD1 1 
ATOM   59  O OD2 . ASP A 1 9   ? -7.239  -13.762 2.612   1.00 17.54 ? 10  ASP A OD2 1 
ATOM   60  N N   . PRO A 1 10  ? -9.730  -12.381 -2.137  1.00 22.16 ? 11  PRO A N   1 
ATOM   61  C CA  . PRO A 1 10  ? -9.848  -12.525 -3.607  1.00 22.58 ? 11  PRO A CA  1 
ATOM   62  C C   . PRO A 1 10  ? -9.928  -11.247 -4.433  1.00 22.03 ? 11  PRO A C   1 
ATOM   63  O O   . PRO A 1 10  ? -9.786  -11.288 -5.648  1.00 23.10 ? 11  PRO A O   1 
ATOM   64  C CB  . PRO A 1 10  ? -11.085 -13.421 -3.790  1.00 23.20 ? 11  PRO A CB  1 
ATOM   65  C CG  . PRO A 1 10  ? -11.836 -13.288 -2.530  1.00 24.61 ? 11  PRO A CG  1 
ATOM   66  C CD  . PRO A 1 10  ? -10.816 -13.087 -1.433  1.00 22.69 ? 11  PRO A CD  1 
ATOM   67  N N   . ASP A 1 11  ? -10.124 -10.107 -3.779  1.00 21.45 ? 12  ASP A N   1 
ATOM   68  C CA  . ASP A 1 11  ? -10.204 -8.830  -4.477  1.00 22.03 ? 12  ASP A CA  1 
ATOM   69  C C   . ASP A 1 11  ? -8.812  -8.261  -4.721  1.00 22.32 ? 12  ASP A C   1 
ATOM   70  O O   . ASP A 1 11  ? -8.659  -7.295  -5.469  1.00 21.30 ? 12  ASP A O   1 
ATOM   71  C CB  . ASP A 1 11  ? -11.010 -7.798  -3.646  1.00 23.98 ? 12  ASP A CB  1 
ATOM   72  C CG  . ASP A 1 11  ? -12.471 -8.215  -3.391  1.00 23.51 ? 12  ASP A CG  1 
ATOM   73  O OD1 . ASP A 1 11  ? -13.082 -8.897  -4.234  1.00 22.86 ? 12  ASP A OD1 1 
ATOM   74  O OD2 . ASP A 1 11  ? -13.027 -7.825  -2.340  1.00 25.97 ? 12  ASP A OD2 1 
ATOM   75  N N   . PHE A 1 12  ? -7.784  -8.879  -4.116  1.00 22.51 ? 13  PHE A N   1 
ATOM   76  C CA  . PHE A 1 12  ? -6.399  -8.367  -4.193  1.00 23.55 ? 13  PHE A CA  1 
ATOM   77  C C   . PHE A 1 12  ? -5.687  -8.499  -5.519  1.00 24.33 ? 13  PHE A C   1 
ATOM   78  O O   . PHE A 1 12  ? -5.062  -7.550  -5.995  1.00 24.58 ? 13  PHE A O   1 
ATOM   79  C CB  . PHE A 1 12  ? -5.527  -9.001  -3.074  1.00 22.72 ? 13  PHE A CB  1 
ATOM   80  C CG  . PHE A 1 12  ? -4.134  -8.384  -2.947  1.00 22.89 ? 13  PHE A CG  1 
ATOM   81  C CD1 . PHE A 1 12  ? -3.978  -7.055  -2.535  1.00 23.30 ? 13  PHE A CD1 1 
ATOM   82  C CD2 . PHE A 1 12  ? -2.994  -9.103  -3.318  1.00 22.72 ? 13  PHE A CD2 1 
ATOM   83  C CE1 . PHE A 1 12  ? -2.711  -6.456  -2.506  1.00 25.33 ? 13  PHE A CE1 1 
ATOM   84  C CE2 . PHE A 1 12  ? -1.716  -8.513  -3.302  1.00 23.68 ? 13  PHE A CE2 1 
ATOM   85  C CZ  . PHE A 1 12  ? -1.581  -7.178  -2.892  1.00 24.43 ? 13  PHE A CZ  1 
ATOM   86  N N   . GLN A 1 13  ? -5.735  -9.671  -6.125  1.00 24.60 ? 14  GLN A N   1 
ATOM   87  C CA  . GLN A 1 13  ? -5.064  -9.791  -7.409  1.00 25.55 ? 14  GLN A CA  1 
ATOM   88  C C   . GLN A 1 13  ? -5.778  -8.889  -8.437  1.00 25.45 ? 14  GLN A C   1 
ATOM   89  O O   . GLN A 1 13  ? -5.104  -8.272  -9.280  1.00 25.53 ? 14  GLN A O   1 
ATOM   90  C CB  . GLN A 1 13  ? -5.070  -11.247 -7.877  1.00 27.16 ? 14  GLN A CB  1 
ATOM   91  C CG  . GLN A 1 13  ? -4.166  -12.154 -7.085  1.00 26.42 ? 14  GLN A CG  1 
ATOM   92  C CD  . GLN A 1 13  ? -2.774  -11.586 -6.941  1.00 26.21 ? 14  GLN A CD  1 
ATOM   93  O OE1 . GLN A 1 13  ? -2.208  -11.025 -7.896  1.00 25.86 ? 14  GLN A OE1 1 
ATOM   94  N NE2 . GLN A 1 13  ? -2.192  -11.744 -5.741  1.00 21.07 ? 14  GLN A NE2 1 
ATOM   95  N N   . PRO A 1 14  ? -7.145  -8.878  -8.445  1.00 25.11 ? 15  PRO A N   1 
ATOM   96  C CA  . PRO A 1 14  ? -7.856  -8.007  -9.390  1.00 25.38 ? 15  PRO A CA  1 
ATOM   97  C C   . PRO A 1 14  ? -7.236  -6.593  -9.269  1.00 25.45 ? 15  PRO A C   1 
ATOM   98  O O   . PRO A 1 14  ? -6.760  -6.035  -10.263 1.00 26.72 ? 15  PRO A O   1 
ATOM   99  C CB  . PRO A 1 14  ? -9.300  -8.098  -8.905  1.00 22.87 ? 15  PRO A CB  1 
ATOM   100 C CG  . PRO A 1 14  ? -9.386  -9.563  -8.585  1.00 23.29 ? 15  PRO A CG  1 
ATOM   101 C CD  . PRO A 1 14  ? -8.095  -9.816  -7.814  1.00 24.25 ? 15  PRO A CD  1 
ATOM   102 N N   . GLU A 1 15  ? -7.160  -6.063  -8.048  1.00 24.26 ? 16  GLU A N   1 
ATOM   103 C CA  . GLU A 1 15  ? -6.550  -4.751  -7.848  1.00 25.29 ? 16  GLU A CA  1 
ATOM   104 C C   . GLU A 1 15  ? -5.159  -4.707  -8.435  1.00 25.44 ? 16  GLU A C   1 
ATOM   105 O O   . GLU A 1 15  ? -4.837  -3.768  -9.142  1.00 25.48 ? 16  GLU A O   1 
ATOM   106 C CB  . GLU A 1 15  ? -6.470  -4.369  -6.368  1.00 25.88 ? 16  GLU A CB  1 
ATOM   107 C CG  . GLU A 1 15  ? -7.804  -3.973  -5.767  1.00 27.57 ? 16  GLU A CG  1 
ATOM   108 C CD  . GLU A 1 15  ? -8.458  -2.810  -6.515  1.00 29.41 ? 16  GLU A CD  1 
ATOM   109 O OE1 . GLU A 1 15  ? -7.767  -1.849  -6.941  1.00 29.56 ? 16  GLU A OE1 1 
ATOM   110 O OE2 . GLU A 1 15  ? -9.683  -2.851  -6.677  1.00 32.25 ? 16  GLU A OE2 1 
ATOM   111 N N   . LEU A 1 16  ? -4.325  -5.704  -8.167  1.00 23.33 ? 17  LEU A N   1 
ATOM   112 C CA  . LEU A 1 16  ? -2.991  -5.677  -8.756  1.00 23.61 ? 17  LEU A CA  1 
ATOM   113 C C   . LEU A 1 16  ? -3.032  -5.717  -10.286 1.00 24.20 ? 17  LEU A C   1 
ATOM   114 O O   . LEU A 1 16  ? -2.197  -5.101  -10.961 1.00 24.01 ? 17  LEU A O   1 
ATOM   115 C CB  . LEU A 1 16  ? -2.131  -6.842  -8.213  1.00 24.74 ? 17  LEU A CB  1 
ATOM   116 C CG  . LEU A 1 16  ? -0.980  -6.483  -7.230  1.00 24.20 ? 17  LEU A CG  1 
ATOM   117 C CD1 . LEU A 1 16  ? -1.352  -5.350  -6.286  1.00 21.37 ? 17  LEU A CD1 1 
ATOM   118 C CD2 . LEU A 1 16  ? -0.558  -7.729  -6.460  1.00 23.67 ? 17  LEU A CD2 1 
ATOM   119 N N   . SER A 1 17  ? -4.000  -6.438  -10.841 1.00 23.98 ? 18  SER A N   1 
ATOM   120 C CA  . SER A 1 17  ? -4.124  -6.536  -12.310 1.00 23.15 ? 18  SER A CA  1 
ATOM   121 C C   . SER A 1 17  ? -4.629  -5.213  -12.898 1.00 22.75 ? 18  SER A C   1 
ATOM   122 O O   . SER A 1 17  ? -4.081  -4.724  -13.881 1.00 21.68 ? 18  SER A O   1 
ATOM   123 C CB  . SER A 1 17  ? -5.089  -7.641  -12.692 1.00 23.12 ? 18  SER A CB  1 
ATOM   124 O OG  . SER A 1 17  ? -4.708  -8.114  -13.963 1.00 26.49 ? 18  SER A OG  1 
ATOM   125 N N   . GLY A 1 18  ? -5.639  -4.637  -12.236 1.00 23.43 ? 19  GLY A N   1 
ATOM   126 C CA  . GLY A 1 18  ? -6.236  -3.356  -12.617 1.00 22.71 ? 19  GLY A CA  1 
ATOM   127 C C   . GLY A 1 18  ? -5.359  -2.102  -12.528 1.00 22.68 ? 19  GLY A C   1 
ATOM   128 O O   . GLY A 1 18  ? -5.777  -1.001  -12.960 1.00 22.43 ? 19  GLY A O   1 
ATOM   129 N N   . ALA A 1 19  ? -4.155  -2.251  -11.961 1.00 22.08 ? 20  ALA A N   1 
ATOM   130 C CA  . ALA A 1 19  ? -3.203  -1.142  -11.869 1.00 23.14 ? 20  ALA A CA  1 
ATOM   131 C C   . ALA A 1 19  ? -2.491  -1.018  -13.217 1.00 22.23 ? 20  ALA A C   1 
ATOM   132 O O   . ALA A 1 19  ? -1.813  -0.029  -13.477 1.00 20.42 ? 20  ALA A O   1 
ATOM   133 C CB  . ALA A 1 19  ? -2.133  -1.380  -10.724 1.00 22.77 ? 20  ALA A CB  1 
ATOM   134 N N   . GLY A 1 20  ? -2.662  -2.045  -14.052 1.00 24.25 ? 21  GLY A N   1 
ATOM   135 C CA  . GLY A 1 20  ? -2.017  -2.093  -15.355 1.00 24.22 ? 21  GLY A CA  1 
ATOM   136 C C   . GLY A 1 20  ? -0.518  -2.134  -15.155 1.00 25.82 ? 21  GLY A C   1 
ATOM   137 O O   . GLY A 1 20  ? -0.018  -2.958  -14.401 1.00 25.53 ? 21  GLY A O   1 
ATOM   138 N N   . SER A 1 21  ? 0.215   -1.240  -15.829 1.00 26.89 ? 22  SER A N   1 
ATOM   139 C CA  . SER A 1 21  ? 1.660   -1.199  -15.677 1.00 25.88 ? 22  SER A CA  1 
ATOM   140 C C   . SER A 1 21  ? 2.089   -0.083  -14.708 1.00 25.96 ? 22  SER A C   1 
ATOM   141 O O   . SER A 1 21  ? 3.293   0.085   -14.446 1.00 26.35 ? 22  SER A O   1 
ATOM   142 C CB  . SER A 1 21  ? 2.330   -1.061  -17.060 1.00 27.79 ? 22  SER A CB  1 
ATOM   143 O OG  . SER A 1 21  ? 2.306   0.280   -17.547 1.00 28.20 ? 22  SER A OG  1 
ATOM   144 N N   . ARG A 1 22  ? 1.095   0.622   -14.138 1.00 25.68 ? 23  ARG A N   1 
ATOM   145 C CA  . ARG A 1 22  ? 1.320   1.717   -13.162 1.00 24.65 ? 23  ARG A CA  1 
ATOM   146 C C   . ARG A 1 22  ? 1.945   1.222   -11.845 1.00 25.41 ? 23  ARG A C   1 
ATOM   147 O O   . ARG A 1 22  ? 1.759   0.045   -11.494 1.00 23.13 ? 23  ARG A O   1 
ATOM   148 C CB  . ARG A 1 22  ? -0.015  2.393   -12.800 1.00 23.28 ? 23  ARG A CB  1 
ATOM   149 C CG  . ARG A 1 22  ? -0.617  3.193   -13.948 1.00 25.21 ? 23  ARG A CG  1 
ATOM   150 C CD  . ARG A 1 22  ? -1.897  3.849   -13.515 1.00 22.93 ? 23  ARG A CD  1 
ATOM   151 N NE  . ARG A 1 22  ? -2.844  2.775   -13.360 1.00 23.78 ? 23  ARG A NE  1 
ATOM   152 C CZ  . ARG A 1 22  ? -4.099  2.911   -12.981 1.00 22.89 ? 23  ARG A CZ  1 
ATOM   153 N NH1 . ARG A 1 22  ? -4.584  4.121   -12.694 1.00 19.57 ? 23  ARG A NH1 1 
ATOM   154 N NH2 . ARG A 1 22  ? -4.874  1.813   -12.913 1.00 22.94 ? 23  ARG A NH2 1 
ATOM   155 N N   . LEU A 1 23  ? 2.678   2.094   -11.139 1.00 23.77 ? 24  LEU A N   1 
ATOM   156 C CA  . LEU A 1 23  ? 3.210   1.705   -9.839  1.00 23.40 ? 24  LEU A CA  1 
ATOM   157 C C   . LEU A 1 23  ? 2.019   1.520   -8.875  1.00 22.79 ? 24  LEU A C   1 
ATOM   158 O O   . LEU A 1 23  ? 1.057   2.270   -8.915  1.00 22.76 ? 24  LEU A O   1 
ATOM   159 C CB  . LEU A 1 23  ? 4.123   2.770   -9.265  1.00 23.72 ? 24  LEU A CB  1 
ATOM   160 C CG  . LEU A 1 23  ? 4.700   2.462   -7.884  1.00 23.66 ? 24  LEU A CG  1 
ATOM   161 C CD1 . LEU A 1 23  ? 5.743   1.319   -7.946  1.00 21.72 ? 24  LEU A CD1 1 
ATOM   162 C CD2 . LEU A 1 23  ? 5.295   3.750   -7.326  1.00 24.02 ? 24  LEU A CD2 1 
ATOM   163 N N   . ALA A 1 24  ? 2.044   0.462   -8.072  1.00 20.58 ? 25  ALA A N   1 
ATOM   164 C CA  . ALA A 1 24  ? 0.969   0.273   -7.107  1.00 20.49 ? 25  ALA A CA  1 
ATOM   165 C C   . ALA A 1 24  ? 1.607   0.243   -5.690  1.00 19.22 ? 25  ALA A C   1 
ATOM   166 O O   . ALA A 1 24  ? 2.507   -0.541  -5.417  1.00 18.20 ? 25  ALA A O   1 
ATOM   167 C CB  . ALA A 1 24  ? 0.215   -1.014  -7.404  1.00 22.42 ? 25  ALA A CB  1 
ATOM   168 N N   . VAL A 1 25  ? 1.148   1.130   -4.820  1.00 18.34 ? 26  VAL A N   1 
ATOM   169 C CA  . VAL A 1 25  ? 1.641   1.235   -3.427  1.00 18.34 ? 26  VAL A CA  1 
ATOM   170 C C   . VAL A 1 25  ? 0.494   0.737   -2.517  1.00 18.11 ? 26  VAL A C   1 
ATOM   171 O O   . VAL A 1 25  ? -0.589  1.321   -2.488  1.00 17.45 ? 26  VAL A O   1 
ATOM   172 C CB  . VAL A 1 25  ? 2.017   2.726   -3.078  1.00 17.20 ? 26  VAL A CB  1 
ATOM   173 C CG1 . VAL A 1 25  ? 2.822   2.795   -1.780  1.00 19.06 ? 26  VAL A CG1 1 
ATOM   174 C CG2 . VAL A 1 25  ? 2.829   3.354   -4.213  1.00 18.94 ? 26  VAL A CG2 1 
ATOM   175 N N   . VAL A 1 26  ? 0.728   -0.361  -1.804  1.00 18.54 ? 27  VAL A N   1 
ATOM   176 C CA  . VAL A 1 26  ? -0.261  -1.002  -0.931  1.00 17.32 ? 27  VAL A CA  1 
ATOM   177 C C   . VAL A 1 26  ? 0.105   -0.817  0.507   1.00 17.21 ? 27  VAL A C   1 
ATOM   178 O O   . VAL A 1 26  ? 1.153   -1.262  0.933   1.00 17.77 ? 27  VAL A O   1 
ATOM   179 C CB  . VAL A 1 26  ? -0.291  -2.505  -1.142  1.00 18.79 ? 27  VAL A CB  1 
ATOM   180 C CG1 . VAL A 1 26  ? -1.334  -3.167  -0.219  1.00 17.45 ? 27  VAL A CG1 1 
ATOM   181 C CG2 . VAL A 1 26  ? -0.544  -2.814  -2.576  1.00 18.63 ? 27  VAL A CG2 1 
ATOM   182 N N   . LYS A 1 27  ? -0.757  -0.146  1.245   1.00 16.72 ? 28  LYS A N   1 
ATOM   183 C CA  . LYS A 1 27  ? -0.549  0.053   2.665   1.00 17.69 ? 28  LYS A CA  1 
ATOM   184 C C   . LYS A 1 27  ? -1.252  -1.053  3.465   1.00 17.74 ? 28  LYS A C   1 
ATOM   185 O O   . LYS A 1 27  ? -2.464  -1.142  3.437   1.00 17.81 ? 28  LYS A O   1 
ATOM   186 C CB  . LYS A 1 27  ? -1.150  1.387   3.111   1.00 18.48 ? 28  LYS A CB  1 
ATOM   187 C CG  . LYS A 1 27  ? -1.106  1.607   4.625   1.00 19.85 ? 28  LYS A CG  1 
ATOM   188 C CD  . LYS A 1 27  ? -1.795  2.899   5.015   1.00 19.00 ? 28  LYS A CD  1 
ATOM   189 C CE  . LYS A 1 27  ? -3.286  2.802   4.640   1.00 23.07 ? 28  LYS A CE  1 
ATOM   190 N NZ  . LYS A 1 27  ? -4.126  3.848   5.355   1.00 21.83 ? 28  LYS A NZ  1 
ATOM   191 N N   . PHE A 1 28  ? -0.477  -1.873  4.150   1.00 18.83 ? 29  PHE A N   1 
ATOM   192 C CA  . PHE A 1 28  ? -0.958  -2.933  5.032   1.00 19.54 ? 29  PHE A CA  1 
ATOM   193 C C   . PHE A 1 28  ? -1.128  -2.297  6.392   1.00 21.17 ? 29  PHE A C   1 
ATOM   194 O O   . PHE A 1 28  ? -0.173  -1.761  6.983   1.00 21.57 ? 29  PHE A O   1 
ATOM   195 C CB  . PHE A 1 28  ? 0.028   -4.085  5.079   1.00 18.76 ? 29  PHE A CB  1 
ATOM   196 C CG  . PHE A 1 28  ? -0.007  -4.900  3.855   1.00 19.03 ? 29  PHE A CG  1 
ATOM   197 C CD1 . PHE A 1 28  ? -0.797  -6.014  3.785   1.00 19.91 ? 29  PHE A CD1 1 
ATOM   198 C CD2 . PHE A 1 28  ? 0.684   -4.496  2.739   1.00 20.81 ? 29  PHE A CD2 1 
ATOM   199 C CE1 . PHE A 1 28  ? -0.910  -6.728  2.624   1.00 20.21 ? 29  PHE A CE1 1 
ATOM   200 C CE2 . PHE A 1 28  ? 0.581   -5.206  1.528   1.00 20.37 ? 29  PHE A CE2 1 
ATOM   201 C CZ  . PHE A 1 28  ? -0.225  -6.334  1.483   1.00 21.36 ? 29  PHE A CZ  1 
ATOM   202 N N   . THR A 1 29  ? -2.359  -2.400  6.882   1.00 20.69 ? 30  THR A N   1 
ATOM   203 C CA  . THR A 1 29  ? -2.775  -1.779  8.087   1.00 21.04 ? 30  THR A CA  1 
ATOM   204 C C   . THR A 1 29  ? -3.599  -2.713  8.955   1.00 20.61 ? 30  THR A C   1 
ATOM   205 O O   . THR A 1 29  ? -3.876  -3.846  8.587   1.00 18.54 ? 30  THR A O   1 
ATOM   206 C CB  . THR A 1 29  ? -3.607  -0.500  7.657   1.00 22.21 ? 30  THR A CB  1 
ATOM   207 O OG1 . THR A 1 29  ? -3.727  0.398   8.752   1.00 24.19 ? 30  THR A OG1 1 
ATOM   208 C CG2 . THR A 1 29  ? -5.023  -0.900  7.144   1.00 20.53 ? 30  THR A CG2 1 
ATOM   209 N N   . MET A 1 30  ? -3.938  -2.226  10.144  1.00 21.85 ? 31  MET A N   1 
ATOM   210 C CA  . MET A 1 30  ? -4.798  -2.959  11.079  1.00 23.11 ? 31  MET A CA  1 
ATOM   211 C C   . MET A 1 30  ? -5.370  -1.939  12.060  1.00 24.30 ? 31  MET A C   1 
ATOM   212 O O   . MET A 1 30  ? -4.857  -0.839  12.180  1.00 24.18 ? 31  MET A O   1 
ATOM   213 C CB  . MET A 1 30  ? -4.033  -4.057  11.848  1.00 22.68 ? 31  MET A CB  1 
ATOM   214 C CG  . MET A 1 30  ? -3.110  -3.575  12.949  1.00 21.17 ? 31  MET A CG  1 
ATOM   215 S SD  . MET A 1 30  ? -2.315  -4.999  13.694  1.00 22.55 ? 31  MET A SD  1 
ATOM   216 C CE  . MET A 1 30  ? -1.027  -4.063  14.690  1.00 23.12 ? 31  MET A CE  1 
ATOM   217 N N   . ARG A 1 31  ? -6.467  -2.301  12.706  1.00 24.72 ? 32  ARG A N   1 
ATOM   218 C CA  . ARG A 1 31  ? -7.115  -1.464  13.718  1.00 26.10 ? 32  ARG A CA  1 
ATOM   219 C C   . ARG A 1 31  ? -6.258  -1.325  15.015  1.00 24.90 ? 32  ARG A C   1 
ATOM   220 O O   . ARG A 1 31  ? -5.361  -2.129  15.247  1.00 24.51 ? 32  ARG A O   1 
ATOM   221 C CB  . ARG A 1 31  ? -8.468  -2.089  14.110  1.00 27.45 ? 32  ARG A CB  1 
ATOM   222 C CG  . ARG A 1 31  ? -9.553  -2.043  13.061  1.00 30.51 ? 32  ARG A CG  1 
ATOM   223 C CD  . ARG A 1 31  ? -9.883  -0.602  12.707  1.00 34.18 ? 32  ARG A CD  1 
ATOM   224 N NE  . ARG A 1 31  ? -9.353  0.472   13.608  1.00 38.47 ? 32  ARG A NE  1 
ATOM   225 C CZ  . ARG A 1 31  ? -9.892  0.882   14.762  1.00 37.15 ? 32  ARG A CZ  1 
ATOM   226 N NH1 . ARG A 1 31  ? -11.023 0.302   15.231  1.00 35.83 ? 32  ARG A NH1 1 
ATOM   227 N NH2 . ARG A 1 31  ? -9.305  1.900   15.420  1.00 33.66 ? 32  ARG A NH2 1 
ATOM   228 N N   . GLY A 1 32  ? -6.603  -0.334  15.856  1.00 23.79 ? 33  GLY A N   1 
ATOM   229 C CA  . GLY A 1 32  ? -5.926  -0.058  17.107  1.00 22.41 ? 33  GLY A CA  1 
ATOM   230 C C   . GLY A 1 32  ? -4.421  -0.015  16.903  1.00 22.30 ? 33  GLY A C   1 
ATOM   231 O O   . GLY A 1 32  ? -3.665  -0.688  17.625  1.00 23.06 ? 33  GLY A O   1 
ATOM   232 N N   . CYS A 1 33  ? -3.971  0.748   15.902  1.00 22.39 ? 34  CYS A N   1 
ATOM   233 C CA  . CYS A 1 33  ? -2.557  0.857   15.582  1.00 20.43 ? 34  CYS A CA  1 
ATOM   234 C C   . CYS A 1 33  ? -2.162  2.313   15.395  1.00 19.66 ? 34  CYS A C   1 
ATOM   235 O O   . CYS A 1 33  ? -2.587  2.960   14.443  1.00 17.43 ? 34  CYS A O   1 
ATOM   236 C CB  . CYS A 1 33  ? -2.272  0.037   14.324  1.00 21.43 ? 34  CYS A CB  1 
ATOM   237 S SG  . CYS A 1 33  ? -0.679  0.399   13.566  1.00 20.89 ? 34  CYS A SG  1 
ATOM   238 N N   . GLY A 1 34  ? -1.395  2.813   16.367  1.00 19.92 ? 35  GLY A N   1 
ATOM   239 C CA  . GLY A 1 34  ? -0.929  4.190   16.366  1.00 20.72 ? 35  GLY A CA  1 
ATOM   240 C C   . GLY A 1 34  ? -0.144  4.575   15.116  1.00 20.33 ? 35  GLY A C   1 
ATOM   241 O O   . GLY A 1 34  ? -0.600  5.436   14.354  1.00 20.99 ? 35  GLY A O   1 
ATOM   242 N N   . PRO A 1 35  ? 1.025   3.956   14.851  1.00 20.20 ? 36  PRO A N   1 
ATOM   243 C CA  . PRO A 1 35  ? 1.679   4.417   13.625  1.00 18.92 ? 36  PRO A CA  1 
ATOM   244 C C   . PRO A 1 35  ? 0.765   4.326   12.397  1.00 19.45 ? 36  PRO A C   1 
ATOM   245 O O   . PRO A 1 35  ? 0.836   5.187   11.517  1.00 18.34 ? 36  PRO A O   1 
ATOM   246 C CB  . PRO A 1 35  ? 2.943   3.555   13.538  1.00 18.40 ? 36  PRO A CB  1 
ATOM   247 C CG  . PRO A 1 35  ? 2.761   2.444   14.529  1.00 19.48 ? 36  PRO A CG  1 
ATOM   248 C CD  . PRO A 1 35  ? 1.830   2.962   15.581  1.00 19.14 ? 36  PRO A CD  1 
ATOM   249 N N   . CYS A 1 36  ? -0.088  3.307   12.333  1.00 19.19 ? 37  CYS A N   1 
ATOM   250 C CA  . CYS A 1 36  ? -0.983  3.199   11.180  1.00 20.17 ? 37  CYS A CA  1 
ATOM   251 C C   . CYS A 1 36  ? -1.835  4.450   11.053  1.00 20.99 ? 37  CYS A C   1 
ATOM   252 O O   . CYS A 1 36  ? -2.052  4.994   9.946   1.00 21.61 ? 37  CYS A O   1 
ATOM   253 C CB  . CYS A 1 36  ? -1.929  2.008   11.326  1.00 20.67 ? 37  CYS A CB  1 
ATOM   254 S SG  . CYS A 1 36  ? -1.122  0.406   11.569  1.00 17.68 ? 37  CYS A SG  1 
ATOM   255 N N   . LEU A 1 37  ? -2.301  4.918   12.201  1.00 21.02 ? 38  LEU A N   1 
ATOM   256 C CA  . LEU A 1 37  ? -3.132  6.119   12.248  1.00 21.57 ? 38  LEU A CA  1 
ATOM   257 C C   . LEU A 1 37  ? -2.343  7.369   11.907  1.00 22.15 ? 38  LEU A C   1 
ATOM   258 O O   . LEU A 1 37  ? -2.852  8.238   11.240  1.00 21.71 ? 38  LEU A O   1 
ATOM   259 C CB  . LEU A 1 37  ? -3.745  6.322   13.623  1.00 20.81 ? 38  LEU A CB  1 
ATOM   260 C CG  . LEU A 1 37  ? -4.670  7.538   13.619  1.00 21.41 ? 38  LEU A CG  1 
ATOM   261 C CD1 . LEU A 1 37  ? -5.930  7.183   12.856  1.00 20.99 ? 38  LEU A CD1 1 
ATOM   262 C CD2 . LEU A 1 37  ? -5.038  7.885   15.002  1.00 20.39 ? 38  LEU A CD2 1 
ATOM   263 N N   . ARG A 1 38  ? -1.093  7.430   12.352  1.00 22.11 ? 39  ARG A N   1 
ATOM   264 C CA  . ARG A 1 38  ? -0.272  8.599   12.141  1.00 21.95 ? 39  ARG A CA  1 
ATOM   265 C C   . ARG A 1 38  ? 0.010   8.826   10.691  1.00 21.73 ? 39  ARG A C   1 
ATOM   266 O O   . ARG A 1 38  ? 0.015   9.955   10.240  1.00 23.85 ? 39  ARG A O   1 
ATOM   267 C CB  . ARG A 1 38  ? 1.083   8.473   12.858  1.00 22.33 ? 39  ARG A CB  1 
ATOM   268 C CG  . ARG A 1 38  ? 1.080   8.895   14.307  1.00 23.91 ? 39  ARG A CG  1 
ATOM   269 C CD  . ARG A 1 38  ? 2.325   8.304   15.050  1.00 28.05 ? 39  ARG A CD  1 
ATOM   270 N NE  . ARG A 1 38  ? 1.824   7.527   16.182  1.00 29.03 ? 39  ARG A NE  1 
ATOM   271 C CZ  . ARG A 1 38  ? 2.405   6.462   16.691  1.00 29.73 ? 39  ARG A CZ  1 
ATOM   272 N NH1 . ARG A 1 38  ? 3.537   6.031   16.175  1.00 30.19 ? 39  ARG A NH1 1 
ATOM   273 N NH2 . ARG A 1 38  ? 1.825   5.822   17.714  1.00 31.83 ? 39  ARG A NH2 1 
ATOM   274 N N   . ILE A 1 39  ? 0.234   7.747   9.964   1.00 19.92 ? 40  ILE A N   1 
ATOM   275 C CA  . ILE A 1 39  ? 0.598   7.849   8.556   1.00 20.03 ? 40  ILE A CA  1 
ATOM   276 C C   . ILE A 1 39  ? -0.602  7.974   7.614   1.00 19.32 ? 40  ILE A C   1 
ATOM   277 O O   . ILE A 1 39  ? -0.456  8.486   6.534   1.00 21.06 ? 40  ILE A O   1 
ATOM   278 C CB  . ILE A 1 39  ? 1.506   6.605   8.128   1.00 18.47 ? 40  ILE A CB  1 
ATOM   279 C CG1 . ILE A 1 39  ? 2.237   6.838   6.775   1.00 17.75 ? 40  ILE A CG1 1 
ATOM   280 C CG2 . ILE A 1 39  ? 0.621   5.398   7.923   1.00 18.02 ? 40  ILE A CG2 1 
ATOM   281 C CD1 . ILE A 1 39  ? 2.956   8.133   6.638   1.00 18.97 ? 40  ILE A CD1 1 
ATOM   282 N N   . ALA A 1 40  ? -1.789  7.543   8.027   1.00 20.15 ? 41  ALA A N   1 
ATOM   283 C CA  . ALA A 1 40  ? -2.954  7.573   7.137   1.00 18.67 ? 41  ALA A CA  1 
ATOM   284 C C   . ALA A 1 40  ? -3.220  8.856   6.322   1.00 19.03 ? 41  ALA A C   1 
ATOM   285 O O   . ALA A 1 40  ? -3.467  8.777   5.099   1.00 18.66 ? 41  ALA A O   1 
ATOM   286 C CB  . ALA A 1 40  ? -4.181  7.204   7.904   1.00 18.83 ? 41  ALA A CB  1 
ATOM   287 N N   . PRO A 1 41  ? -3.220  10.031  6.975   1.00 17.88 ? 42  PRO A N   1 
ATOM   288 C CA  . PRO A 1 41  ? -3.466  11.281  6.237   1.00 18.98 ? 42  PRO A CA  1 
ATOM   289 C C   . PRO A 1 41  ? -2.409  11.529  5.170   1.00 19.25 ? 42  PRO A C   1 
ATOM   290 O O   . PRO A 1 41  ? -2.702  11.944  4.044   1.00 16.86 ? 42  PRO A O   1 
ATOM   291 C CB  . PRO A 1 41  ? -3.432  12.380  7.329   1.00 19.61 ? 42  PRO A CB  1 
ATOM   292 C CG  . PRO A 1 41  ? -3.845  11.600  8.597   1.00 19.08 ? 42  PRO A CG  1 
ATOM   293 C CD  . PRO A 1 41  ? -3.122  10.269  8.425   1.00 17.87 ? 42  PRO A CD  1 
ATOM   294 N N   . ALA A 1 42  ? -1.161  11.318  5.546   1.00 19.94 ? 43  ALA A N   1 
ATOM   295 C CA  . ALA A 1 42  ? -0.091  11.518  4.590   1.00 21.27 ? 43  ALA A CA  1 
ATOM   296 C C   . ALA A 1 42  ? -0.250  10.579  3.366   1.00 20.98 ? 43  ALA A C   1 
ATOM   297 O O   . ALA A 1 42  ? -0.064  10.984  2.217   1.00 23.24 ? 43  ALA A O   1 
ATOM   298 C CB  . ALA A 1 42  ? 1.258   11.309  5.268   1.00 19.22 ? 43  ALA A CB  1 
ATOM   299 N N   . PHE A 1 43  ? -0.597  9.327   3.613   1.00 21.22 ? 44  PHE A N   1 
ATOM   300 C CA  . PHE A 1 43  ? -0.735  8.387   2.538   1.00 20.80 ? 44  PHE A CA  1 
ATOM   301 C C   . PHE A 1 43  ? -1.819  8.846   1.599   1.00 20.55 ? 44  PHE A C   1 
ATOM   302 O O   . PHE A 1 43  ? -1.697  8.737   0.397   1.00 20.57 ? 44  PHE A O   1 
ATOM   303 C CB  . PHE A 1 43  ? -1.098  7.020   3.082   1.00 20.52 ? 44  PHE A CB  1 
ATOM   304 C CG  . PHE A 1 43  ? -0.978  5.948   2.065   1.00 18.41 ? 44  PHE A CG  1 
ATOM   305 C CD1 . PHE A 1 43  ? 0.232   5.787   1.366   1.00 18.48 ? 44  PHE A CD1 1 
ATOM   306 C CD2 . PHE A 1 43  ? -2.059  5.114   1.784   1.00 16.67 ? 44  PHE A CD2 1 
ATOM   307 C CE1 . PHE A 1 43  ? 0.366   4.837   0.426   1.00 16.17 ? 44  PHE A CE1 1 
ATOM   308 C CE2 . PHE A 1 43  ? -1.952  4.147   0.839   1.00 16.30 ? 44  PHE A CE2 1 
ATOM   309 C CZ  . PHE A 1 43  ? -0.726  3.999   0.147   1.00 19.20 ? 44  PHE A CZ  1 
ATOM   310 N N   . SER A 1 44  ? -2.904  9.329   2.168   1.00 21.19 ? 45  SER A N   1 
ATOM   311 C CA  . SER A 1 44  ? -3.984  9.820   1.367   1.00 21.60 ? 45  SER A CA  1 
ATOM   312 C C   . SER A 1 44  ? -3.535  11.040  0.569   1.00 21.51 ? 45  SER A C   1 
ATOM   313 O O   . SER A 1 44  ? -3.932  11.193  -0.584  1.00 22.55 ? 45  SER A O   1 
ATOM   314 C CB  . SER A 1 44  ? -5.155  10.160  2.268   1.00 22.61 ? 45  SER A CB  1 
ATOM   315 O OG  . SER A 1 44  ? -6.282  10.511  1.507   1.00 27.19 ? 45  SER A OG  1 
ATOM   316 N N   . SER A 1 45  ? -2.694  11.895  1.151   1.00 19.92 ? 46  SER A N   1 
ATOM   317 C CA  . SER A 1 45  ? -2.210  13.079  0.433   1.00 21.13 ? 46  SER A CA  1 
ATOM   318 C C   . SER A 1 45  ? -1.270  12.678  -0.714  1.00 19.93 ? 46  SER A C   1 
ATOM   319 O O   . SER A 1 45  ? -1.228  13.358  -1.787  1.00 18.72 ? 46  SER A O   1 
ATOM   320 C CB  . SER A 1 45  ? -1.455  14.050  1.355   1.00 20.32 ? 46  SER A CB  1 
ATOM   321 O OG  . SER A 1 45  ? -2.337  14.791  2.167   1.00 22.05 ? 46  SER A OG  1 
ATOM   322 N N   . MET A 1 46  ? -0.513  11.601  -0.489  1.00 19.55 ? 47  MET A N   1 
ATOM   323 C CA  . MET A 1 46  ? 0.409   11.093  -1.490  1.00 18.80 ? 47  MET A CA  1 
ATOM   324 C C   . MET A 1 46  ? -0.373  10.656  -2.689  1.00 20.08 ? 47  MET A C   1 
ATOM   325 O O   . MET A 1 46  ? 0.043   10.882  -3.780  1.00 20.48 ? 47  MET A O   1 
ATOM   326 C CB  . MET A 1 46  ? 1.229   9.919   -0.937  1.00 19.88 ? 47  MET A CB  1 
ATOM   327 C CG  . MET A 1 46  ? 2.290   10.430  0.016   1.00 21.27 ? 47  MET A CG  1 
ATOM   328 S SD  . MET A 1 46  ? 3.354   9.161   0.651   1.00 24.02 ? 47  MET A SD  1 
ATOM   329 C CE  . MET A 1 46  ? 3.811   9.756   2.207   1.00 20.52 ? 47  MET A CE  1 
ATOM   330 N N   . SER A 1 47  ? -1.530  10.035  -2.503  1.00 22.36 ? 48  SER A N   1 
ATOM   331 C CA  . SER A 1 47  ? -2.277  9.582   -3.676  1.00 24.68 ? 48  SER A CA  1 
ATOM   332 C C   . SER A 1 47  ? -2.812  10.754  -4.457  1.00 25.92 ? 48  SER A C   1 
ATOM   333 O O   . SER A 1 47  ? -2.907  10.721  -5.675  1.00 25.04 ? 48  SER A O   1 
ATOM   334 C CB  . SER A 1 47  ? -3.428  8.656   -3.278  1.00 24.36 ? 48  SER A CB  1 
ATOM   335 O OG  . SER A 1 47  ? -4.483  9.372   -2.671  1.00 26.76 ? 48  SER A OG  1 
ATOM   336 N N   . ASN A 1 48  ? -3.170  11.800  -3.729  1.00 27.05 ? 49  ASN A N   1 
ATOM   337 C CA  . ASN A 1 48  ? -3.654  13.029  -4.335  1.00 27.33 ? 49  ASN A CA  1 
ATOM   338 C C   . ASN A 1 48  ? -2.486  13.598  -5.100  1.00 26.31 ? 49  ASN A C   1 
ATOM   339 O O   . ASN A 1 48  ? -2.655  14.189  -6.151  1.00 25.77 ? 49  ASN A O   1 
ATOM   340 C CB  . ASN A 1 48  ? -4.023  14.103  -3.281  1.00 26.98 ? 49  ASN A CB  1 
ATOM   341 C CG  . ASN A 1 48  ? -5.116  13.672  -2.347  1.00 27.13 ? 49  ASN A CG  1 
ATOM   342 O OD1 . ASN A 1 48  ? -5.983  12.904  -2.709  1.00 27.57 ? 49  ASN A OD1 1 
ATOM   343 N ND2 . ASN A 1 48  ? -5.085  14.196  -1.120  1.00 24.77 ? 49  ASN A ND2 1 
ATOM   344 N N   . LYS A 1 49  ? -1.297  13.443  -4.554  1.00 26.56 ? 50  LYS A N   1 
ATOM   345 C CA  . LYS A 1 49  ? -0.144  14.037  -5.184  1.00 26.91 ? 50  LYS A CA  1 
ATOM   346 C C   . LYS A 1 49  ? 0.357   13.245  -6.351  1.00 27.33 ? 50  LYS A C   1 
ATOM   347 O O   . LYS A 1 49  ? 1.062   13.792  -7.204  1.00 27.72 ? 50  LYS A O   1 
ATOM   348 C CB  . LYS A 1 49  ? 0.980   14.234  -4.172  1.00 26.15 ? 50  LYS A CB  1 
ATOM   349 C CG  . LYS A 1 49  ? 2.148   15.125  -4.675  1.00 23.83 ? 50  LYS A CG  1 
ATOM   350 C CD  . LYS A 1 49  ? 3.143   15.389  -3.557  1.00 25.40 ? 50  LYS A CD  1 
ATOM   351 C CE  . LYS A 1 49  ? 4.441   16.063  -4.070  1.00 25.10 ? 50  LYS A CE  1 
ATOM   352 N NZ  . LYS A 1 49  ? 5.559   16.179  -3.020  1.00 27.52 ? 50  LYS A NZ  1 
ATOM   353 N N   . TYR A 1 50  ? 0.005   11.961  -6.411  1.00 27.39 ? 51  TYR A N   1 
ATOM   354 C CA  . TYR A 1 50  ? 0.484   11.132  -7.522  1.00 27.20 ? 51  TYR A CA  1 
ATOM   355 C C   . TYR A 1 50  ? -0.614  10.380  -8.236  1.00 27.69 ? 51  TYR A C   1 
ATOM   356 O O   . TYR A 1 50  ? -0.703  9.151   -8.140  1.00 27.61 ? 51  TYR A O   1 
ATOM   357 C CB  . TYR A 1 50  ? 1.517   10.133  -7.026  1.00 26.37 ? 51  TYR A CB  1 
ATOM   358 C CG  . TYR A 1 50  ? 2.705   10.815  -6.456  1.00 25.53 ? 51  TYR A CG  1 
ATOM   359 C CD1 . TYR A 1 50  ? 3.545   11.553  -7.270  1.00 25.97 ? 51  TYR A CD1 1 
ATOM   360 C CD2 . TYR A 1 50  ? 2.976   10.767  -5.108  1.00 24.68 ? 51  TYR A CD2 1 
ATOM   361 C CE1 . TYR A 1 50  ? 4.647   12.231  -6.749  1.00 25.89 ? 51  TYR A CE1 1 
ATOM   362 C CE2 . TYR A 1 50  ? 4.072   11.439  -4.563  1.00 24.85 ? 51  TYR A CE2 1 
ATOM   363 C CZ  . TYR A 1 50  ? 4.907   12.167  -5.400  1.00 25.14 ? 51  TYR A CZ  1 
ATOM   364 O OH  . TYR A 1 50  ? 6.017   12.808  -4.899  1.00 25.55 ? 51  TYR A OH  1 
ATOM   365 N N   . PRO A 1 51  ? -1.486  11.094  -8.950  1.00 27.05 ? 52  PRO A N   1 
ATOM   366 C CA  . PRO A 1 51  ? -2.517  10.307  -9.615  1.00 26.74 ? 52  PRO A CA  1 
ATOM   367 C C   . PRO A 1 51  ? -1.988  9.349   -10.700 1.00 26.91 ? 52  PRO A C   1 
ATOM   368 O O   . PRO A 1 51  ? -2.771  8.645   -11.276 1.00 28.71 ? 52  PRO A O   1 
ATOM   369 C CB  . PRO A 1 51  ? -3.484  11.379  -10.151 1.00 26.36 ? 52  PRO A CB  1 
ATOM   370 C CG  . PRO A 1 51  ? -2.563  12.579  -10.415 1.00 25.60 ? 52  PRO A CG  1 
ATOM   371 C CD  . PRO A 1 51  ? -1.700  12.545  -9.143  1.00 27.33 ? 52  PRO A CD  1 
ATOM   372 N N   . GLN A 1 52  ? -0.689  9.296   -10.996 1.00 26.95 ? 53  GLN A N   1 
ATOM   373 C CA  . GLN A 1 52  ? -0.259  8.318   -12.009 1.00 26.34 ? 53  GLN A CA  1 
ATOM   374 C C   . GLN A 1 52  ? 0.011   6.920   -11.387 1.00 25.15 ? 53  GLN A C   1 
ATOM   375 O O   . GLN A 1 52  ? 0.257   5.945   -12.098 1.00 22.90 ? 53  GLN A O   1 
ATOM   376 C CB  . GLN A 1 52  ? 1.018   8.764   -12.758 1.00 25.76 ? 53  GLN A CB  1 
ATOM   377 C CG  . GLN A 1 52  ? 2.253   8.805   -11.889 1.00 27.08 ? 53  GLN A CG  1 
ATOM   378 C CD  . GLN A 1 52  ? 2.393   10.150  -11.238 1.00 28.68 ? 53  GLN A CD  1 
ATOM   379 O OE1 . GLN A 1 52  ? 1.439   10.681  -10.680 1.00 26.47 ? 53  GLN A OE1 1 
ATOM   380 N NE2 . GLN A 1 52  ? 3.578   10.724  -11.328 1.00 28.20 ? 53  GLN A NE2 1 
ATOM   381 N N   . ALA A 1 53  ? -0.030  6.826   -10.059 1.00 24.26 ? 54  ALA A N   1 
ATOM   382 C CA  . ALA A 1 53  ? 0.212   5.525   -9.439  1.00 23.49 ? 54  ALA A CA  1 
ATOM   383 C C   . ALA A 1 53  ? -1.091  5.118   -8.752  1.00 24.35 ? 54  ALA A C   1 
ATOM   384 O O   . ALA A 1 53  ? -1.965  5.961   -8.595  1.00 23.31 ? 54  ALA A O   1 
ATOM   385 C CB  . ALA A 1 53  ? 1.339   5.657   -8.446  1.00 21.14 ? 54  ALA A CB  1 
ATOM   386 N N   . VAL A 1 54  ? -1.252  3.849   -8.369  1.00 24.50 ? 55  VAL A N   1 
ATOM   387 C CA  . VAL A 1 54  ? -2.464  3.427   -7.646  1.00 23.30 ? 55  VAL A CA  1 
ATOM   388 C C   . VAL A 1 54  ? -2.152  3.105   -6.146  1.00 22.25 ? 55  VAL A C   1 
ATOM   389 O O   . VAL A 1 54  ? -1.166  2.481   -5.839  1.00 22.87 ? 55  VAL A O   1 
ATOM   390 C CB  . VAL A 1 54  ? -3.185  2.235   -8.364  1.00 24.40 ? 55  VAL A CB  1 
ATOM   391 C CG1 . VAL A 1 54  ? -3.138  2.448   -9.873  1.00 25.70 ? 55  VAL A CG1 1 
ATOM   392 C CG2 . VAL A 1 54  ? -2.582  0.949   -8.034  1.00 22.88 ? 55  VAL A CG2 1 
ATOM   393 N N   . PHE A 1 55  ? -3.007  3.593   -5.235  1.00 22.02 ? 56  PHE A N   1 
ATOM   394 C CA  . PHE A 1 55  ? -2.853  3.452   -3.793  1.00 20.00 ? 56  PHE A CA  1 
ATOM   395 C C   . PHE A 1 55  ? -3.918  2.594   -3.200  1.00 18.56 ? 56  PHE A C   1 
ATOM   396 O O   . PHE A 1 55  ? -5.095  2.858   -3.341  1.00 19.27 ? 56  PHE A O   1 
ATOM   397 C CB  . PHE A 1 55  ? -2.866  4.835   -3.118  1.00 21.05 ? 56  PHE A CB  1 
ATOM   398 C CG  . PHE A 1 55  ? -1.723  5.680   -3.507  1.00 20.80 ? 56  PHE A CG  1 
ATOM   399 C CD1 . PHE A 1 55  ? -1.563  6.085   -4.838  1.00 22.66 ? 56  PHE A CD1 1 
ATOM   400 C CD2 . PHE A 1 55  ? -0.789  6.071   -2.566  1.00 22.40 ? 56  PHE A CD2 1 
ATOM   401 C CE1 . PHE A 1 55  ? -0.476  6.878   -5.221  1.00 22.07 ? 56  PHE A CE1 1 
ATOM   402 C CE2 . PHE A 1 55  ? 0.306   6.861   -2.929  1.00 23.02 ? 56  PHE A CE2 1 
ATOM   403 C CZ  . PHE A 1 55  ? 0.453   7.262   -4.267  1.00 23.58 ? 56  PHE A CZ  1 
ATOM   404 N N   . LEU A 1 56  ? -3.487  1.571   -2.500  1.00 18.65 ? 57  LEU A N   1 
ATOM   405 C CA  . LEU A 1 56  ? -4.404  0.617   -1.940  1.00 18.43 ? 57  LEU A CA  1 
ATOM   406 C C   . LEU A 1 56  ? -4.174  0.444   -0.454  1.00 19.44 ? 57  LEU A C   1 
ATOM   407 O O   . LEU A 1 56  ? -3.095  0.774   0.052   1.00 18.67 ? 57  LEU A O   1 
ATOM   408 C CB  . LEU A 1 56  ? -4.216  -0.724  -2.643  1.00 17.75 ? 57  LEU A CB  1 
ATOM   409 C CG  . LEU A 1 56  ? -4.211  -0.842  -4.166  1.00 18.01 ? 57  LEU A CG  1 
ATOM   410 C CD1 . LEU A 1 56  ? -4.009  -2.301  -4.571  1.00 15.43 ? 57  LEU A CD1 1 
ATOM   411 C CD2 . LEU A 1 56  ? -5.526  -0.362  -4.715  1.00 20.23 ? 57  LEU A CD2 1 
ATOM   412 N N   . GLU A 1 57  ? -5.182  -0.125  0.223   1.00 20.15 ? 58  GLU A N   1 
ATOM   413 C CA  . GLU A 1 57  ? -5.139  -0.343  1.646   1.00 20.24 ? 58  GLU A CA  1 
ATOM   414 C C   . GLU A 1 57  ? -5.685  -1.711  1.934   1.00 19.94 ? 58  GLU A C   1 
ATOM   415 O O   . GLU A 1 57  ? -6.744  -2.062  1.492   1.00 18.73 ? 58  GLU A O   1 
ATOM   416 C CB  . GLU A 1 57  ? -6.007  0.685   2.367   1.00 20.81 ? 58  GLU A CB  1 
ATOM   417 C CG  . GLU A 1 57  ? -5.881  0.584   3.871   1.00 24.91 ? 58  GLU A CG  1 
ATOM   418 C CD  . GLU A 1 57  ? -6.725  1.643   4.613   1.00 27.15 ? 58  GLU A CD  1 
ATOM   419 O OE1 . GLU A 1 57  ? -6.662  2.860   4.262   1.00 26.32 ? 58  GLU A OE1 1 
ATOM   420 O OE2 . GLU A 1 57  ? -7.442  1.240   5.547   1.00 30.19 ? 58  GLU A OE2 1 
ATOM   421 N N   . VAL A 1 58  ? -4.928  -2.466  2.704   1.00 20.32 ? 59  VAL A N   1 
ATOM   422 C CA  . VAL A 1 58  ? -5.285  -3.800  3.074   1.00 20.30 ? 59  VAL A CA  1 
ATOM   423 C C   . VAL A 1 58  ? -5.247  -3.932  4.590   1.00 21.15 ? 59  VAL A C   1 
ATOM   424 O O   . VAL A 1 58  ? -4.252  -3.597  5.227   1.00 21.72 ? 59  VAL A O   1 
ATOM   425 C CB  . VAL A 1 58  ? -4.289  -4.834  2.469   1.00 18.99 ? 59  VAL A CB  1 
ATOM   426 C CG1 . VAL A 1 58  ? -4.609  -6.213  2.967   1.00 17.55 ? 59  VAL A CG1 1 
ATOM   427 C CG2 . VAL A 1 58  ? -4.374  -4.831  0.976   1.00 16.34 ? 59  VAL A CG2 1 
ATOM   428 N N   . ASP A 1 59  ? -6.344  -4.367  5.174   1.00 20.56 ? 60  ASP A N   1 
ATOM   429 C CA  . ASP A 1 59  ? -6.342  -4.605  6.592   1.00 20.77 ? 60  ASP A CA  1 
ATOM   430 C C   . ASP A 1 59  ? -5.875  -6.081  6.701   1.00 20.95 ? 60  ASP A C   1 
ATOM   431 O O   . ASP A 1 59  ? -6.438  -6.960  6.038   1.00 19.68 ? 60  ASP A O   1 
ATOM   432 C CB  . ASP A 1 59  ? -7.738  -4.414  7.194   1.00 20.30 ? 60  ASP A CB  1 
ATOM   433 C CG  . ASP A 1 59  ? -7.771  -4.767  8.644   1.00 18.78 ? 60  ASP A CG  1 
ATOM   434 O OD1 . ASP A 1 59  ? -7.542  -5.916  9.013   1.00 20.90 ? 60  ASP A OD1 1 
ATOM   435 O OD2 . ASP A 1 59  ? -7.994  -3.887  9.439   1.00 18.19 ? 60  ASP A OD2 1 
ATOM   436 N N   . VAL A 1 60  ? -4.845  -6.326  7.511   1.00 19.53 ? 61  VAL A N   1 
ATOM   437 C CA  . VAL A 1 60  ? -4.278  -7.668  7.628   1.00 19.59 ? 61  VAL A CA  1 
ATOM   438 C C   . VAL A 1 60  ? -5.156  -8.735  8.247   1.00 20.11 ? 61  VAL A C   1 
ATOM   439 O O   . VAL A 1 60  ? -4.844  -9.924  8.150   1.00 19.95 ? 61  VAL A O   1 
ATOM   440 C CB  . VAL A 1 60  ? -2.950  -7.636  8.367   1.00 18.17 ? 61  VAL A CB  1 
ATOM   441 C CG1 . VAL A 1 60  ? -1.998  -6.651  7.667   1.00 15.60 ? 61  VAL A CG1 1 
ATOM   442 C CG2 . VAL A 1 60  ? -3.158  -7.190  9.799   1.00 20.58 ? 61  VAL A CG2 1 
ATOM   443 N N   . HIS A 1 61  ? -6.253  -8.309  8.872   1.00 20.82 ? 62  HIS A N   1 
ATOM   444 C CA  . HIS A 1 61  ? -7.225  -9.217  9.443   1.00 21.77 ? 62  HIS A CA  1 
ATOM   445 C C   . HIS A 1 61  ? -8.415  -9.438  8.504   1.00 23.88 ? 62  HIS A C   1 
ATOM   446 O O   . HIS A 1 61  ? -9.107  -10.475 8.599   1.00 24.44 ? 62  HIS A O   1 
ATOM   447 C CB  . HIS A 1 61  ? -7.709  -8.707  10.765  1.00 24.11 ? 62  HIS A CB  1 
ATOM   448 C CG  . HIS A 1 61  ? -6.616  -8.535  11.761  1.00 26.73 ? 62  HIS A CG  1 
ATOM   449 N ND1 . HIS A 1 61  ? -6.326  -7.318  12.340  1.00 28.25 ? 62  HIS A ND1 1 
ATOM   450 C CD2 . HIS A 1 61  ? -5.732  -9.419  12.280  1.00 29.11 ? 62  HIS A CD2 1 
ATOM   451 C CE1 . HIS A 1 61  ? -5.311  -7.453  13.179  1.00 28.40 ? 62  HIS A CE1 1 
ATOM   452 N NE2 . HIS A 1 61  ? -4.929  -8.717  13.162  1.00 30.60 ? 62  HIS A NE2 1 
ATOM   453 N N   . GLN A 1 62  ? -8.687  -8.505  7.589   1.00 24.01 ? 63  GLN A N   1 
ATOM   454 C CA  . GLN A 1 62  ? -9.769  -8.733  6.619   1.00 24.11 ? 63  GLN A CA  1 
ATOM   455 C C   . GLN A 1 62  ? -9.235  -9.531  5.430   1.00 22.90 ? 63  GLN A C   1 
ATOM   456 O O   . GLN A 1 62  ? -10.006 -10.164 4.683   1.00 21.68 ? 63  GLN A O   1 
ATOM   457 C CB  . GLN A 1 62  ? -10.296 -7.404  6.081   1.00 23.78 ? 63  GLN A CB  1 
ATOM   458 C CG  . GLN A 1 62  ? -11.030 -6.639  7.109   1.00 26.79 ? 63  GLN A CG  1 
ATOM   459 C CD  . GLN A 1 62  ? -11.279 -5.178  6.751   1.00 32.12 ? 63  GLN A CD  1 
ATOM   460 O OE1 . GLN A 1 62  ? -11.723 -4.412  7.627   1.00 34.82 ? 63  GLN A OE1 1 
ATOM   461 N NE2 . GLN A 1 62  ? -11.022 -4.771  5.483   1.00 29.84 ? 63  GLN A NE2 1 
ATOM   462 N N   . CYS A 1 63  ? -7.920  -9.425  5.224   1.00 21.90 ? 64  CYS A N   1 
ATOM   463 C CA  . CYS A 1 63  ? -7.201  -10.061 4.116   1.00 22.28 ? 64  CYS A CA  1 
ATOM   464 C C   . CYS A 1 63  ? -5.988  -10.844 4.615   1.00 22.66 ? 64  CYS A C   1 
ATOM   465 O O   . CYS A 1 63  ? -4.837  -10.523 4.253   1.00 21.06 ? 64  CYS A O   1 
ATOM   466 C CB  . CYS A 1 63  ? -6.722  -8.979  3.143   1.00 23.32 ? 64  CYS A CB  1 
ATOM   467 S SG  . CYS A 1 63  ? -8.096  -8.002  2.421   1.00 24.02 ? 64  CYS A SG  1 
ATOM   468 N N   . GLN A 1 64  ? -6.256  -11.860 5.433   1.00 22.25 ? 65  GLN A N   1 
ATOM   469 C CA  . GLN A 1 64  ? -5.228  -12.691 6.051   1.00 23.10 ? 65  GLN A CA  1 
ATOM   470 C C   . GLN A 1 64  ? -4.277  -13.379 5.105   1.00 22.26 ? 65  GLN A C   1 
ATOM   471 O O   . GLN A 1 64  ? -3.052  -13.382 5.310   1.00 19.86 ? 65  GLN A O   1 
ATOM   472 C CB  . GLN A 1 64  ? -5.872  -13.763 6.940   1.00 25.34 ? 65  GLN A CB  1 
ATOM   473 C CG  . GLN A 1 64  ? -6.361  -13.262 8.272   1.00 27.31 ? 65  GLN A CG  1 
ATOM   474 C CD  . GLN A 1 64  ? -6.903  -14.411 9.137   1.00 28.06 ? 65  GLN A CD  1 
ATOM   475 O OE1 . GLN A 1 64  ? -6.216  -15.422 9.392   1.00 26.05 ? 65  GLN A OE1 1 
ATOM   476 N NE2 . GLN A 1 64  ? -8.130  -14.260 9.590   1.00 27.13 ? 65  GLN A NE2 1 
ATOM   477 N N   . GLY A 1 65  ? -4.852  -13.974 4.074   1.00 21.10 ? 66  GLY A N   1 
ATOM   478 C CA  . GLY A 1 65  ? -4.036  -14.663 3.121   1.00 20.67 ? 66  GLY A CA  1 
ATOM   479 C C   . GLY A 1 65  ? -3.091  -13.700 2.443   1.00 21.37 ? 66  GLY A C   1 
ATOM   480 O O   . GLY A 1 65  ? -1.949  -14.055 2.184   1.00 19.98 ? 66  GLY A O   1 
ATOM   481 N N   . THR A 1 66  ? -3.560  -12.493 2.126   1.00 22.82 ? 67  THR A N   1 
ATOM   482 C CA  . THR A 1 66  ? -2.711  -11.467 1.460   1.00 24.04 ? 67  THR A CA  1 
ATOM   483 C C   . THR A 1 66  ? -1.563  -11.017 2.386   1.00 22.58 ? 67  THR A C   1 
ATOM   484 O O   . THR A 1 66  ? -0.407  -10.876 1.958   1.00 22.05 ? 67  THR A O   1 
ATOM   485 C CB  . THR A 1 66  ? -3.546  -10.235 1.046   1.00 24.95 ? 67  THR A CB  1 
ATOM   486 O OG1 . THR A 1 66  ? -4.663  -10.673 0.260   1.00 25.09 ? 67  THR A OG1 1 
ATOM   487 C CG2 . THR A 1 66  ? -2.674  -9.251  0.216   1.00 26.94 ? 67  THR A CG2 1 
ATOM   488 N N   . ALA A 1 67  ? -1.890  -10.807 3.658   1.00 20.30 ? 68  ALA A N   1 
ATOM   489 C CA  . ALA A 1 67  ? -0.870  -10.418 4.618   1.00 20.04 ? 68  ALA A CA  1 
ATOM   490 C C   . ALA A 1 67  ? 0.207   -11.520 4.699   1.00 19.85 ? 68  ALA A C   1 
ATOM   491 O O   . ALA A 1 67  ? 1.398   -11.243 4.575   1.00 19.81 ? 68  ALA A O   1 
ATOM   492 C CB  . ALA A 1 67  ? -1.518  -10.168 6.007   1.00 16.20 ? 68  ALA A CB  1 
ATOM   493 N N   . ALA A 1 68  ? -0.229  -12.762 4.909   1.00 20.06 ? 69  ALA A N   1 
ATOM   494 C CA  . ALA A 1 68  ? 0.652   -13.929 5.045   1.00 21.61 ? 69  ALA A CA  1 
ATOM   495 C C   . ALA A 1 68  ? 1.573   -14.176 3.827   1.00 22.57 ? 69  ALA A C   1 
ATOM   496 O O   . ALA A 1 68  ? 2.798   -14.316 3.977   1.00 23.12 ? 69  ALA A O   1 
ATOM   497 C CB  . ALA A 1 68  ? -0.227  -15.231 5.330   1.00 20.18 ? 69  ALA A CB  1 
ATOM   498 N N   . THR A 1 69  ? 0.986   -14.213 2.621   1.00 24.57 ? 70  THR A N   1 
ATOM   499 C CA  . THR A 1 69  ? 1.783   -14.415 1.414   1.00 24.08 ? 70  THR A CA  1 
ATOM   500 C C   . THR A 1 69  ? 2.632   -13.194 1.086   1.00 25.72 ? 70  THR A C   1 
ATOM   501 O O   . THR A 1 69  ? 3.407   -13.237 0.148   1.00 27.26 ? 70  THR A O   1 
ATOM   502 C CB  . THR A 1 69  ? 0.933   -14.759 0.137   1.00 25.00 ? 70  THR A CB  1 
ATOM   503 O OG1 . THR A 1 69  ? -0.037  -13.724 -0.110  1.00 23.66 ? 70  THR A OG1 1 
ATOM   504 C CG2 . THR A 1 69  ? 0.217   -16.113 0.303   1.00 22.16 ? 70  THR A CG2 1 
ATOM   505 N N   . ASN A 1 70  ? 2.495   -12.090 1.814   1.00 24.18 ? 71  ASN A N   1 
ATOM   506 C CA  . ASN A 1 70  ? 3.366   -10.979 1.478   1.00 23.74 ? 71  ASN A CA  1 
ATOM   507 C C   . ASN A 1 70  ? 4.275   -10.852 2.658   1.00 23.55 ? 71  ASN A C   1 
ATOM   508 O O   . ASN A 1 70  ? 4.994   -9.875  2.803   1.00 25.25 ? 71  ASN A O   1 
ATOM   509 C CB  . ASN A 1 70  ? 2.560   -9.705  1.209   1.00 23.81 ? 71  ASN A CB  1 
ATOM   510 C CG  . ASN A 1 70  ? 2.050   -9.655  -0.220  1.00 23.96 ? 71  ASN A CG  1 
ATOM   511 O OD1 . ASN A 1 70  ? 2.798   -9.308  -1.125  1.00 22.63 ? 71  ASN A OD1 1 
ATOM   512 N ND2 . ASN A 1 70  ? 0.802   -10.046 -0.440  1.00 21.99 ? 71  ASN A ND2 1 
ATOM   513 N N   . ASN A 1 71  ? 4.203   -11.860 3.526   1.00 23.51 ? 72  ASN A N   1 
ATOM   514 C CA  . ASN A 1 71  ? 5.037   -11.906 4.704   1.00 23.84 ? 72  ASN A CA  1 
ATOM   515 C C   . ASN A 1 71  ? 4.999   -10.593 5.502   1.00 23.35 ? 72  ASN A C   1 
ATOM   516 O O   . ASN A 1 71  ? 6.049   -10.055 5.881   1.00 22.48 ? 72  ASN A O   1 
ATOM   517 C CB  . ASN A 1 71  ? 6.451   -12.236 4.273   1.00 25.43 ? 72  ASN A CB  1 
ATOM   518 C CG  . ASN A 1 71  ? 7.388   -12.512 5.438   1.00 28.45 ? 72  ASN A CG  1 
ATOM   519 O OD1 . ASN A 1 71  ? 7.183   -13.429 6.245   1.00 29.89 ? 72  ASN A OD1 1 
ATOM   520 N ND2 . ASN A 1 71  ? 8.456   -11.723 5.516   1.00 30.09 ? 72  ASN A ND2 1 
ATOM   521 N N   . ILE A 1 72  ? 3.785   -10.108 5.797   1.00 23.66 ? 73  ILE A N   1 
ATOM   522 C CA  . ILE A 1 72  ? 3.618   -8.862  6.560   1.00 23.45 ? 73  ILE A CA  1 
ATOM   523 C C   . ILE A 1 72  ? 3.807   -9.135  8.060   1.00 23.86 ? 73  ILE A C   1 
ATOM   524 O O   . ILE A 1 72  ? 3.049   -9.855  8.640   1.00 23.04 ? 73  ILE A O   1 
ATOM   525 C CB  . ILE A 1 72  ? 2.227   -8.266  6.299   1.00 22.16 ? 73  ILE A CB  1 
ATOM   526 C CG1 . ILE A 1 72  ? 2.045   -8.012  4.793   1.00 20.71 ? 73  ILE A CG1 1 
ATOM   527 C CG2 . ILE A 1 72  ? 2.008   -6.993  7.139   1.00 22.85 ? 73  ILE A CG2 1 
ATOM   528 C CD1 . ILE A 1 72  ? 2.929   -6.904  4.214   1.00 23.47 ? 73  ILE A CD1 1 
ATOM   529 N N   . SER A 1 73  ? 4.797   -8.526  8.697   1.00 25.33 ? 74  SER A N   1 
ATOM   530 C CA  . SER A 1 73  ? 5.050   -8.802  10.098  1.00 25.53 ? 74  SER A CA  1 
ATOM   531 C C   . SER A 1 73  ? 4.674   -7.641  10.999  1.00 26.47 ? 74  SER A C   1 
ATOM   532 O O   . SER A 1 73  ? 4.543   -7.803  12.219  1.00 28.04 ? 74  SER A O   1 
ATOM   533 C CB  . SER A 1 73  ? 6.525   -9.136  10.298  1.00 24.39 ? 74  SER A CB  1 
ATOM   534 O OG  . SER A 1 73  ? 7.301   -8.042  9.835   1.00 25.94 ? 74  SER A OG  1 
ATOM   535 N N   . ALA A 1 74  ? 4.515   -6.455  10.432  1.00 24.95 ? 75  ALA A N   1 
ATOM   536 C CA  . ALA A 1 74  ? 4.124   -5.351  11.266  1.00 23.06 ? 75  ALA A CA  1 
ATOM   537 C C   . ALA A 1 74  ? 3.351   -4.370  10.420  1.00 21.47 ? 75  ALA A C   1 
ATOM   538 O O   . ALA A 1 74  ? 3.327   -4.523  9.209   1.00 22.52 ? 75  ALA A O   1 
ATOM   539 C CB  . ALA A 1 74  ? 5.358   -4.699  11.881  1.00 23.02 ? 75  ALA A CB  1 
ATOM   540 N N   . THR A 1 75  ? 2.720   -3.374  11.060  1.00 19.57 ? 76  THR A N   1 
ATOM   541 C CA  . THR A 1 75  ? 1.910   -2.375  10.365  1.00 18.46 ? 76  THR A CA  1 
ATOM   542 C C   . THR A 1 75  ? 2.260   -1.021  10.974  1.00 18.06 ? 76  THR A C   1 
ATOM   543 O O   . THR A 1 75  ? 2.508   -0.943  12.177  1.00 15.79 ? 76  THR A O   1 
ATOM   544 C CB  . THR A 1 75  ? 0.373   -2.636  10.547  1.00 17.79 ? 76  THR A CB  1 
ATOM   545 O OG1 . THR A 1 75  ? 0.066   -2.648  11.939  1.00 18.97 ? 76  THR A OG1 1 
ATOM   546 C CG2 . THR A 1 75  ? -0.076  -3.999  9.923   1.00 16.90 ? 76  THR A CG2 1 
ATOM   547 N N   . PRO A 1 76  ? 2.287   0.059   10.144  1.00 17.45 ? 77  PRO A N   1 
ATOM   548 C CA  . PRO A 1 76  ? 1.990   -0.081  8.721   1.00 16.26 ? 77  PRO A CA  1 
ATOM   549 C C   . PRO A 1 76  ? 3.169   -0.542  7.886   1.00 16.52 ? 77  PRO A C   1 
ATOM   550 O O   . PRO A 1 76  ? 4.331   -0.208  8.162   1.00 16.78 ? 77  PRO A O   1 
ATOM   551 C CB  . PRO A 1 76  ? 1.536   1.327   8.315   1.00 15.38 ? 77  PRO A CB  1 
ATOM   552 C CG  . PRO A 1 76  ? 2.337   2.235   9.220   1.00 16.59 ? 77  PRO A CG  1 
ATOM   553 C CD  . PRO A 1 76  ? 2.503   1.475   10.517  1.00 17.91 ? 77  PRO A CD  1 
ATOM   554 N N   . THR A 1 77  ? 2.858   -1.333  6.868   1.00 16.97 ? 78  THR A N   1 
ATOM   555 C CA  . THR A 1 77  ? 3.848   -1.783  5.918   1.00 17.96 ? 78  THR A CA  1 
ATOM   556 C C   . THR A 1 77  ? 3.350   -1.403  4.483   1.00 19.39 ? 78  THR A C   1 
ATOM   557 O O   . THR A 1 77  ? 2.173   -1.635  4.123   1.00 17.40 ? 78  THR A O   1 
ATOM   558 C CB  . THR A 1 77  ? 4.075   -3.295  5.968   1.00 19.17 ? 78  THR A CB  1 
ATOM   559 O OG1 . THR A 1 77  ? 4.679   -3.690  7.217   1.00 16.31 ? 78  THR A OG1 1 
ATOM   560 C CG2 . THR A 1 77  ? 4.981   -3.666  4.832   1.00 17.17 ? 78  THR A CG2 1 
ATOM   561 N N   . PHE A 1 78  ? 4.242   -0.805  3.685   1.00 19.15 ? 79  PHE A N   1 
ATOM   562 C CA  . PHE A 1 78  ? 3.911   -0.438  2.320   1.00 19.63 ? 79  PHE A CA  1 
ATOM   563 C C   . PHE A 1 78  ? 4.628   -1.347  1.354   1.00 19.41 ? 79  PHE A C   1 
ATOM   564 O O   . PHE A 1 78  ? 5.848   -1.463  1.421   1.00 20.89 ? 79  PHE A O   1 
ATOM   565 C CB  . PHE A 1 78  ? 4.303   1.035   2.061   1.00 17.62 ? 79  PHE A CB  1 
ATOM   566 C CG  . PHE A 1 78  ? 3.575   2.020   2.960   1.00 18.30 ? 79  PHE A CG  1 
ATOM   567 C CD1 . PHE A 1 78  ? 2.317   2.546   2.595   1.00 15.14 ? 79  PHE A CD1 1 
ATOM   568 C CD2 . PHE A 1 78  ? 4.062   2.301   4.248   1.00 17.58 ? 79  PHE A CD2 1 
ATOM   569 C CE1 . PHE A 1 78  ? 1.553   3.322   3.520   1.00 16.58 ? 79  PHE A CE1 1 
ATOM   570 C CE2 . PHE A 1 78  ? 3.300   3.074   5.160   1.00 16.16 ? 79  PHE A CE2 1 
ATOM   571 C CZ  . PHE A 1 78  ? 2.040   3.577   4.788   1.00 16.86 ? 79  PHE A CZ  1 
ATOM   572 N N   . GLN A 1 79  ? 3.896   -2.004  0.456   1.00 19.07 ? 80  GLN A N   1 
ATOM   573 C CA  . GLN A 1 79  ? 4.540   -2.848  -0.565  1.00 20.48 ? 80  GLN A CA  1 
ATOM   574 C C   . GLN A 1 79  ? 4.424   -2.095  -1.862  1.00 20.29 ? 80  GLN A C   1 
ATOM   575 O O   . GLN A 1 79  ? 3.439   -1.390  -2.048  1.00 20.00 ? 80  GLN A O   1 
ATOM   576 C CB  . GLN A 1 79  ? 3.786   -4.117  -0.841  1.00 21.65 ? 80  GLN A CB  1 
ATOM   577 C CG  . GLN A 1 79  ? 3.490   -4.905  0.303   1.00 26.77 ? 80  GLN A CG  1 
ATOM   578 C CD  . GLN A 1 79  ? 4.659   -5.667  0.587   1.00 29.56 ? 80  GLN A CD  1 
ATOM   579 O OE1 . GLN A 1 79  ? 5.672   -5.124  1.069   1.00 32.72 ? 80  GLN A OE1 1 
ATOM   580 N NE2 . GLN A 1 79  ? 4.601   -6.958  0.240   1.00 34.14 ? 80  GLN A NE2 1 
ATOM   581 N N   . PHE A 1 80  ? 5.381   -2.283  -2.767  1.00 18.87 ? 81  PHE A N   1 
ATOM   582 C CA  . PHE A 1 80  ? 5.342   -1.628  -4.070  1.00 19.15 ? 81  PHE A CA  1 
ATOM   583 C C   . PHE A 1 80  ? 5.261   -2.668  -5.195  1.00 20.38 ? 81  PHE A C   1 
ATOM   584 O O   . PHE A 1 80  ? 6.044   -3.611  -5.242  1.00 18.76 ? 81  PHE A O   1 
ATOM   585 C CB  . PHE A 1 80  ? 6.563   -0.773  -4.271  1.00 17.73 ? 81  PHE A CB  1 
ATOM   586 C CG  . PHE A 1 80  ? 6.665   0.372   -3.289  1.00 20.66 ? 81  PHE A CG  1 
ATOM   587 C CD1 . PHE A 1 80  ? 6.893   0.127   -1.933  1.00 19.37 ? 81  PHE A CD1 1 
ATOM   588 C CD2 . PHE A 1 80  ? 6.494   1.702   -3.723  1.00 20.72 ? 81  PHE A CD2 1 
ATOM   589 C CE1 . PHE A 1 80  ? 6.950   1.189   -1.032  1.00 24.08 ? 81  PHE A CE1 1 
ATOM   590 C CE2 . PHE A 1 80  ? 6.542   2.778   -2.831  1.00 22.61 ? 81  PHE A CE2 1 
ATOM   591 C CZ  . PHE A 1 80  ? 6.771   2.538   -1.483  1.00 24.39 ? 81  PHE A CZ  1 
ATOM   592 N N   . PHE A 1 81  ? 4.283   -2.514  -6.084  1.00 21.19 ? 82  PHE A N   1 
ATOM   593 C CA  . PHE A 1 81  ? 4.130   -3.430  -7.176  1.00 21.60 ? 82  PHE A CA  1 
ATOM   594 C C   . PHE A 1 81  ? 4.184   -2.700  -8.510  1.00 22.56 ? 82  PHE A C   1 
ATOM   595 O O   . PHE A 1 81  ? 3.917   -1.496  -8.610  1.00 24.02 ? 82  PHE A O   1 
ATOM   596 C CB  . PHE A 1 81  ? 2.797   -4.192  -7.068  1.00 22.34 ? 82  PHE A CB  1 
ATOM   597 C CG  . PHE A 1 81  ? 2.650   -5.035  -5.804  1.00 22.49 ? 82  PHE A CG  1 
ATOM   598 C CD1 . PHE A 1 81  ? 2.273   -4.464  -4.597  1.00 21.36 ? 82  PHE A CD1 1 
ATOM   599 C CD2 . PHE A 1 81  ? 2.866   -6.413  -5.847  1.00 22.91 ? 82  PHE A CD2 1 
ATOM   600 C CE1 . PHE A 1 81  ? 2.106   -5.258  -3.425  1.00 22.16 ? 82  PHE A CE1 1 
ATOM   601 C CE2 . PHE A 1 81  ? 2.702   -7.216  -4.682  1.00 23.21 ? 82  PHE A CE2 1 
ATOM   602 C CZ  . PHE A 1 81  ? 2.323   -6.625  -3.476  1.00 21.80 ? 82  PHE A CZ  1 
ATOM   603 N N   . ARG A 1 82  ? 4.559   -3.447  -9.535  1.00 24.76 ? 83  ARG A N   1 
ATOM   604 C CA  . ARG A 1 82  ? 4.607   -2.968  -10.919 1.00 26.49 ? 83  ARG A CA  1 
ATOM   605 C C   . ARG A 1 82  ? 4.350   -4.294  -11.665 1.00 25.98 ? 83  ARG A C   1 
ATOM   606 O O   . ARG A 1 82  ? 5.016   -5.322  -11.417 1.00 25.65 ? 83  ARG A O   1 
ATOM   607 C CB  . ARG A 1 82  ? 5.968   -2.296  -11.295 1.00 28.32 ? 83  ARG A CB  1 
ATOM   608 C CG  . ARG A 1 82  ? 5.935   -0.706  -11.530 1.00 30.41 ? 83  ARG A CG  1 
ATOM   609 C CD  . ARG A 1 82  ? 7.288   -0.161  -12.143 1.00 34.44 ? 83  ARG A CD  1 
ATOM   610 N NE  . ARG A 1 82  ? 8.148   0.779   -11.340 1.00 37.16 ? 83  ARG A NE  1 
ATOM   611 C CZ  . ARG A 1 82  ? 9.467   0.602   -11.105 1.00 37.26 ? 83  ARG A CZ  1 
ATOM   612 N NH1 . ARG A 1 82  ? 10.112  -0.465  -11.582 1.00 36.40 ? 83  ARG A NH1 1 
ATOM   613 N NH2 . ARG A 1 82  ? 10.155  1.471   -10.383 1.00 35.77 ? 83  ARG A NH2 1 
ATOM   614 N N   . ASN A 1 83  ? 3.316   -4.279  -12.499 1.00 24.90 ? 84  ASN A N   1 
ATOM   615 C CA  . ASN A 1 83  ? 2.915   -5.431  -13.274 1.00 25.94 ? 84  ASN A CA  1 
ATOM   616 C C   . ASN A 1 83  ? 2.641   -6.660  -12.404 1.00 24.73 ? 84  ASN A C   1 
ATOM   617 O O   . ASN A 1 83  ? 2.927   -7.782  -12.823 1.00 24.85 ? 84  ASN A O   1 
ATOM   618 C CB  . ASN A 1 83  ? 3.971   -5.792  -14.361 1.00 28.40 ? 84  ASN A CB  1 
ATOM   619 C CG  . ASN A 1 83  ? 4.174   -4.694  -15.426 1.00 30.13 ? 84  ASN A CG  1 
ATOM   620 O OD1 . ASN A 1 83  ? 4.825   -4.937  -16.432 1.00 34.12 ? 84  ASN A OD1 1 
ATOM   621 N ND2 . ASN A 1 83  ? 3.638   -3.503  -15.207 1.00 31.56 ? 84  ASN A ND2 1 
ATOM   622 N N   . LYS A 1 84  ? 2.091   -6.433  -11.211 1.00 24.41 ? 85  LYS A N   1 
ATOM   623 C CA  . LYS A 1 84  ? 1.714   -7.484  -10.250 1.00 25.87 ? 85  LYS A CA  1 
ATOM   624 C C   . LYS A 1 84  ? 2.851   -8.183  -9.512  1.00 25.16 ? 85  LYS A C   1 
ATOM   625 O O   . LYS A 1 84  ? 2.637   -9.230  -8.846  1.00 23.90 ? 85  LYS A O   1 
ATOM   626 C CB  . LYS A 1 84  ? 0.864   -8.567  -10.921 1.00 28.33 ? 85  LYS A CB  1 
ATOM   627 C CG  . LYS A 1 84  ? -0.334  -8.026  -11.676 1.00 32.76 ? 85  LYS A CG  1 
ATOM   628 C CD  . LYS A 1 84  ? -1.127  -9.174  -12.270 1.00 33.27 ? 85  LYS A CD  1 
ATOM   629 C CE  . LYS A 1 84  ? -0.352  -9.910  -13.355 1.00 35.78 ? 85  LYS A CE  1 
ATOM   630 N NZ  . LYS A 1 84  ? -1.255  -10.982 -13.872 1.00 36.02 ? 85  LYS A NZ  1 
ATOM   631 N N   . VAL A 1 85  ? 4.050   -7.631  -9.671  1.00 23.51 ? 86  VAL A N   1 
ATOM   632 C CA  . VAL A 1 85  ? 5.247   -8.174  -9.017  1.00 24.06 ? 86  VAL A CA  1 
ATOM   633 C C   . VAL A 1 85  ? 5.642   -7.205  -7.904  1.00 24.88 ? 86  VAL A C   1 
ATOM   634 O O   . VAL A 1 85  ? 5.583   -5.988  -8.105  1.00 24.89 ? 86  VAL A O   1 
ATOM   635 C CB  . VAL A 1 85  ? 6.441   -8.324  -10.009 1.00 22.90 ? 86  VAL A CB  1 
ATOM   636 C CG1 . VAL A 1 85  ? 7.683   -8.866  -9.248  1.00 24.68 ? 86  VAL A CG1 1 
ATOM   637 C CG2 . VAL A 1 85  ? 6.060   -9.301  -11.158 1.00 21.20 ? 86  VAL A CG2 1 
ATOM   638 N N   . ARG A 1 86  ? 5.975   -7.744  -6.727  1.00 26.19 ? 87  ARG A N   1 
ATOM   639 C CA  . ARG A 1 86  ? 6.386   -6.903  -5.606  1.00 27.21 ? 87  ARG A CA  1 
ATOM   640 C C   . ARG A 1 86  ? 7.800   -6.552  -5.925  1.00 26.74 ? 87  ARG A C   1 
ATOM   641 O O   . ARG A 1 86  ? 8.603   -7.447  -6.169  1.00 27.10 ? 87  ARG A O   1 
ATOM   642 C CB  . ARG A 1 86  ? 6.415   -7.620  -4.258  1.00 27.88 ? 87  ARG A CB  1 
ATOM   643 C CG  . ARG A 1 86  ? 6.735   -6.616  -3.158  1.00 29.55 ? 87  ARG A CG  1 
ATOM   644 C CD  . ARG A 1 86  ? 7.593   -7.156  -2.042  1.00 32.08 ? 87  ARG A CD  1 
ATOM   645 N NE  . ARG A 1 86  ? 6.820   -7.867  -1.041  1.00 34.08 ? 87  ARG A NE  1 
ATOM   646 C CZ  . ARG A 1 86  ? 7.241   -8.173  0.196   1.00 35.31 ? 87  ARG A CZ  1 
ATOM   647 N NH1 . ARG A 1 86  ? 8.447   -7.821  0.618   1.00 38.68 ? 87  ARG A NH1 1 
ATOM   648 N NH2 . ARG A 1 86  ? 6.445   -8.863  1.005   1.00 36.46 ? 87  ARG A NH2 1 
ATOM   649 N N   . ILE A 1 87  ? 8.106   -5.258  -5.925  1.00 25.92 ? 88  ILE A N   1 
ATOM   650 C CA  . ILE A 1 87  ? 9.446   -4.806  -6.233  1.00 24.65 ? 88  ILE A CA  1 
ATOM   651 C C   . ILE A 1 87  ? 10.079  -4.020  -5.078  1.00 24.98 ? 88  ILE A C   1 
ATOM   652 O O   . ILE A 1 87  ? 11.275  -3.804  -5.095  1.00 26.02 ? 88  ILE A O   1 
ATOM   653 C CB  . ILE A 1 87  ? 9.474   -3.984  -7.584  1.00 24.02 ? 88  ILE A CB  1 
ATOM   654 C CG1 . ILE A 1 87  ? 8.594   -2.731  -7.516  1.00 23.72 ? 88  ILE A CG1 1 
ATOM   655 C CG2 . ILE A 1 87  ? 8.885   -4.848  -8.719  1.00 23.83 ? 88  ILE A CG2 1 
ATOM   656 C CD1 . ILE A 1 87  ? 9.094   -1.635  -8.369  1.00 23.73 ? 88  ILE A CD1 1 
ATOM   657 N N   . ASP A 1 88  ? 9.310   -3.597  -4.072  1.00 23.49 ? 89  ASP A N   1 
ATOM   658 C CA  . ASP A 1 88  ? 9.903   -2.870  -2.935  1.00 23.15 ? 89  ASP A CA  1 
ATOM   659 C C   . ASP A 1 88  ? 8.993   -2.959  -1.694  1.00 22.11 ? 89  ASP A C   1 
ATOM   660 O O   . ASP A 1 88  ? 7.842   -3.447  -1.769  1.00 21.83 ? 89  ASP A O   1 
ATOM   661 C CB  . ASP A 1 88  ? 10.173  -1.372  -3.295  1.00 22.92 ? 89  ASP A CB  1 
ATOM   662 C CG  . ASP A 1 88  ? 11.468  -0.824  -2.683  1.00 22.25 ? 89  ASP A CG  1 
ATOM   663 O OD1 . ASP A 1 88  ? 12.015  0.208   -3.125  1.00 24.65 ? 89  ASP A OD1 1 
ATOM   664 O OD2 . ASP A 1 88  ? 11.966  -1.409  -1.736  1.00 22.27 ? 89  ASP A OD2 1 
ATOM   665 N N   . GLN A 1 89  ? 9.523   -2.504  -0.556  1.00 20.33 ? 90  GLN A N   1 
ATOM   666 C CA  . GLN A 1 89  ? 8.804   -2.511  0.705   1.00 20.99 ? 90  GLN A CA  1 
ATOM   667 C C   . GLN A 1 89  ? 9.342   -1.406  1.641   1.00 20.13 ? 90  GLN A C   1 
ATOM   668 O O   . GLN A 1 89  ? 10.510  -1.013  1.578   1.00 19.53 ? 90  GLN A O   1 
ATOM   669 C CB  . GLN A 1 89  ? 8.887   -3.914  1.369   1.00 24.85 ? 90  GLN A CB  1 
ATOM   670 C CG  . GLN A 1 89  ? 10.187  -4.217  2.052   1.00 25.90 ? 90  GLN A CG  1 
ATOM   671 C CD  . GLN A 1 89  ? 10.308  -3.546  3.442   1.00 32.36 ? 90  GLN A CD  1 
ATOM   672 O OE1 . GLN A 1 89  ? 11.194  -2.711  3.674   1.00 30.51 ? 90  GLN A OE1 1 
ATOM   673 N NE2 . GLN A 1 89  ? 9.420   -3.924  4.372   1.00 33.98 ? 90  GLN A NE2 1 
ATOM   674 N N   . TYR A 1 90  ? 8.475   -0.896  2.504   1.00 17.37 ? 91  TYR A N   1 
ATOM   675 C CA  . TYR A 1 90  ? 8.862   0.150   3.430   1.00 18.35 ? 91  TYR A CA  1 
ATOM   676 C C   . TYR A 1 90  ? 7.897   0.034   4.627   1.00 19.80 ? 91  TYR A C   1 
ATOM   677 O O   . TYR A 1 90  ? 6.670   -0.006  4.432   1.00 19.71 ? 91  TYR A O   1 
ATOM   678 C CB  . TYR A 1 90  ? 8.700   1.511   2.744   1.00 17.08 ? 91  TYR A CB  1 
ATOM   679 C CG  . TYR A 1 90  ? 9.044   2.703   3.614   1.00 20.71 ? 91  TYR A CG  1 
ATOM   680 C CD1 . TYR A 1 90  ? 10.324  3.313   3.552   1.00 21.01 ? 91  TYR A CD1 1 
ATOM   681 C CD2 . TYR A 1 90  ? 8.091   3.267   4.463   1.00 19.75 ? 91  TYR A CD2 1 
ATOM   682 C CE1 . TYR A 1 90  ? 10.615  4.457   4.322   1.00 18.26 ? 91  TYR A CE1 1 
ATOM   683 C CE2 . TYR A 1 90  ? 8.379   4.376   5.200   1.00 20.08 ? 91  TYR A CE2 1 
ATOM   684 C CZ  . TYR A 1 90  ? 9.638   4.971   5.120   1.00 18.93 ? 91  TYR A CZ  1 
ATOM   685 O OH  . TYR A 1 90  ? 9.857   6.141   5.781   1.00 19.83 ? 91  TYR A OH  1 
ATOM   686 N N   . GLN A 1 91  ? 8.470   -0.063  5.836   1.00 18.80 ? 92  GLN A N   1 
ATOM   687 C CA  . GLN A 1 91  ? 7.740   -0.163  7.075   1.00 19.42 ? 92  GLN A CA  1 
ATOM   688 C C   . GLN A 1 91  ? 7.744   1.140   7.825   1.00 19.93 ? 92  GLN A C   1 
ATOM   689 O O   . GLN A 1 91  ? 8.717   1.908   7.805   1.00 19.21 ? 92  GLN A O   1 
ATOM   690 C CB  . GLN A 1 91  ? 8.355   -1.211  8.034   1.00 20.81 ? 92  GLN A CB  1 
ATOM   691 C CG  . GLN A 1 91  ? 7.969   -2.650  7.770   1.00 20.56 ? 92  GLN A CG  1 
ATOM   692 C CD  . GLN A 1 91  ? 8.444   -3.604  8.862   1.00 21.74 ? 92  GLN A CD  1 
ATOM   693 O OE1 . GLN A 1 91  ? 9.122   -3.216  9.819   1.00 21.36 ? 92  GLN A OE1 1 
ATOM   694 N NE2 . GLN A 1 91  ? 8.096   -4.857  8.716   1.00 21.03 ? 92  GLN A NE2 1 
ATOM   695 N N   . GLY A 1 92  ? 6.651   1.403   8.523   1.00 19.96 ? 93  GLY A N   1 
ATOM   696 C CA  . GLY A 1 92  ? 6.666   2.600   9.315   1.00 21.04 ? 93  GLY A CA  1 
ATOM   697 C C   . GLY A 1 92  ? 5.859   3.783   8.926   1.00 21.60 ? 93  GLY A C   1 
ATOM   698 O O   . GLY A 1 92  ? 5.296   3.853   7.810   1.00 22.00 ? 93  GLY A O   1 
ATOM   699 N N   . ALA A 1 93  ? 5.837   4.727   9.863   1.00 20.29 ? 94  ALA A N   1 
ATOM   700 C CA  . ALA A 1 93  ? 5.061   5.927   9.727   1.00 22.03 ? 94  ALA A CA  1 
ATOM   701 C C   . ALA A 1 93  ? 5.875   7.211   9.373   1.00 22.66 ? 94  ALA A C   1 
ATOM   702 O O   . ALA A 1 93  ? 5.368   8.357   9.509   1.00 22.49 ? 94  ALA A O   1 
ATOM   703 C CB  . ALA A 1 93  ? 4.236   6.130   11.015  1.00 22.63 ? 94  ALA A CB  1 
ATOM   704 N N   . ASP A 1 94  ? 7.111   7.033   8.902   1.00 21.40 ? 95  ASP A N   1 
ATOM   705 C CA  . ASP A 1 94  ? 7.931   8.202   8.515   1.00 20.32 ? 95  ASP A CA  1 
ATOM   706 C C   . ASP A 1 94  ? 7.477   8.507   7.082   1.00 18.26 ? 95  ASP A C   1 
ATOM   707 O O   . ASP A 1 94  ? 7.773   7.781   6.125   1.00 15.08 ? 95  ASP A O   1 
ATOM   708 C CB  . ASP A 1 94  ? 9.431   7.836   8.614   1.00 21.26 ? 95  ASP A CB  1 
ATOM   709 C CG  . ASP A 1 94  ? 10.381  8.848   7.895   1.00 24.72 ? 95  ASP A CG  1 
ATOM   710 O OD1 . ASP A 1 94  ? 9.919   9.874   7.346   1.00 23.64 ? 95  ASP A OD1 1 
ATOM   711 O OD2 . ASP A 1 94  ? 11.610  8.578   7.864   1.00 25.90 ? 95  ASP A OD2 1 
ATOM   712 N N   . ALA A 1 95  ? 6.726   9.584   6.955   1.00 18.66 ? 96  ALA A N   1 
ATOM   713 C CA  . ALA A 1 95  ? 6.167   9.961   5.689   1.00 18.92 ? 96  ALA A CA  1 
ATOM   714 C C   . ALA A 1 95  ? 7.190   10.440  4.713   1.00 20.06 ? 96  ALA A C   1 
ATOM   715 O O   . ALA A 1 95  ? 6.993   10.283  3.515   1.00 19.65 ? 96  ALA A O   1 
ATOM   716 C CB  . ALA A 1 95  ? 5.124   11.026  5.898   1.00 20.24 ? 96  ALA A CB  1 
ATOM   717 N N   . VAL A 1 96  ? 8.267   11.055  5.207   1.00 20.50 ? 97  VAL A N   1 
ATOM   718 C CA  . VAL A 1 96  ? 9.305   11.549  4.322   1.00 19.81 ? 97  VAL A CA  1 
ATOM   719 C C   . VAL A 1 96  ? 9.981   10.380  3.612   1.00 19.96 ? 97  VAL A C   1 
ATOM   720 O O   . VAL A 1 96  ? 10.066  10.365  2.373   1.00 19.76 ? 97  VAL A O   1 
ATOM   721 C CB  . VAL A 1 96  ? 10.350  12.381  5.105   1.00 21.96 ? 97  VAL A CB  1 
ATOM   722 C CG1 . VAL A 1 96  ? 11.458  12.903  4.163   1.00 20.09 ? 97  VAL A CG1 1 
ATOM   723 C CG2 . VAL A 1 96  ? 9.636   13.540  5.800   1.00 22.67 ? 97  VAL A CG2 1 
ATOM   724 N N   . GLY A 1 97  ? 10.462  9.408   4.384   1.00 20.21 ? 98  GLY A N   1 
ATOM   725 C CA  . GLY A 1 97  ? 11.076  8.258   3.758   1.00 20.35 ? 98  GLY A CA  1 
ATOM   726 C C   . GLY A 1 97  ? 10.135  7.597   2.743   1.00 21.24 ? 98  GLY A C   1 
ATOM   727 O O   . GLY A 1 97  ? 10.581  7.191   1.662   1.00 20.58 ? 98  GLY A O   1 
ATOM   728 N N   . LEU A 1 98  ? 8.844   7.483   3.077   1.00 21.35 ? 99  LEU A N   1 
ATOM   729 C CA  . LEU A 1 98  ? 7.883   6.840   2.179   1.00 21.25 ? 99  LEU A CA  1 
ATOM   730 C C   . LEU A 1 98  ? 7.745   7.559   0.837   1.00 21.64 ? 99  LEU A C   1 
ATOM   731 O O   . LEU A 1 98  ? 7.870   6.927   -0.210  1.00 22.55 ? 99  LEU A O   1 
ATOM   732 C CB  . LEU A 1 98  ? 6.493   6.715   2.844   1.00 21.15 ? 99  LEU A CB  1 
ATOM   733 C CG  . LEU A 1 98  ? 5.334   6.061   2.024   1.00 20.43 ? 99  LEU A CG  1 
ATOM   734 C CD1 . LEU A 1 98  ? 5.683   4.660   1.523   1.00 18.42 ? 99  LEU A CD1 1 
ATOM   735 C CD2 . LEU A 1 98  ? 4.121   5.942   2.912   1.00 19.13 ? 99  LEU A CD2 1 
ATOM   736 N N   . GLU A 1 99  ? 7.486   8.862   0.844   1.00 21.21 ? 100 GLU A N   1 
ATOM   737 C CA  . GLU A 1 99  ? 7.346   9.578   -0.412  1.00 22.58 ? 100 GLU A CA  1 
ATOM   738 C C   . GLU A 1 99  ? 8.645   9.589   -1.226  1.00 22.89 ? 100 GLU A C   1 
ATOM   739 O O   . GLU A 1 99  ? 8.621   9.652   -2.456  1.00 23.17 ? 100 GLU A O   1 
ATOM   740 C CB  . GLU A 1 99  ? 6.897   11.037  -0.206  1.00 21.43 ? 100 GLU A CB  1 
ATOM   741 C CG  . GLU A 1 99  ? 6.878   11.795  -1.554  1.00 23.27 ? 100 GLU A CG  1 
ATOM   742 C CD  . GLU A 1 99  ? 6.148   13.119  -1.523  1.00 24.07 ? 100 GLU A CD  1 
ATOM   743 O OE1 . GLU A 1 99  ? 5.661   13.483  -0.452  1.00 24.34 ? 100 GLU A OE1 1 
ATOM   744 O OE2 . GLU A 1 99  ? 6.046   13.810  -2.574  1.00 23.57 ? 100 GLU A OE2 1 
ATOM   745 N N   . GLU A 1 100 ? 9.778   9.571   -0.529  1.00 24.49 ? 101 GLU A N   1 
ATOM   746 C CA  . GLU A 1 100 ? 11.058  9.558   -1.201  1.00 25.63 ? 101 GLU A CA  1 
ATOM   747 C C   . GLU A 1 100 ? 11.191  8.245   -2.016  1.00 24.00 ? 101 GLU A C   1 
ATOM   748 O O   . GLU A 1 100 ? 11.640  8.240   -3.174  1.00 21.49 ? 101 GLU A O   1 
ATOM   749 C CB  . GLU A 1 100 ? 12.165  9.717   -0.163  1.00 28.17 ? 101 GLU A CB  1 
ATOM   750 C CG  . GLU A 1 100 ? 12.387  11.167  0.340   1.00 31.29 ? 101 GLU A CG  1 
ATOM   751 C CD  . GLU A 1 100 ? 11.404  12.280  -0.226  1.00 35.69 ? 101 GLU A CD  1 
ATOM   752 O OE1 . GLU A 1 100 ? 11.431  12.635  -1.467  1.00 36.99 ? 101 GLU A OE1 1 
ATOM   753 O OE2 . GLU A 1 100 ? 10.603  12.831  0.604   1.00 36.93 ? 101 GLU A OE2 1 
ATOM   754 N N   . LYS A 1 101 ? 10.758  7.133   -1.441  1.00 23.32 ? 102 LYS A N   1 
ATOM   755 C CA  . LYS A 1 101 ? 10.821  5.851   -2.183  1.00 23.60 ? 102 LYS A CA  1 
ATOM   756 C C   . LYS A 1 101 ? 9.737   5.776   -3.275  1.00 21.79 ? 102 LYS A C   1 
ATOM   757 O O   . LYS A 1 101 ? 9.917   5.088   -4.254  1.00 20.27 ? 102 LYS A O   1 
ATOM   758 C CB  . LYS A 1 101 ? 10.675  4.642   -1.240  1.00 25.42 ? 102 LYS A CB  1 
ATOM   759 C CG  . LYS A 1 101 ? 11.956  4.344   -0.384  1.00 28.53 ? 102 LYS A CG  1 
ATOM   760 C CD  . LYS A 1 101 ? 11.814  3.015   0.317   1.00 28.40 ? 102 LYS A CD  1 
ATOM   761 C CE  . LYS A 1 101 ? 11.529  1.970   -0.685  1.00 28.58 ? 102 LYS A CE  1 
ATOM   762 N NZ  . LYS A 1 101 ? 12.794  1.847   -1.498  1.00 31.48 ? 102 LYS A NZ  1 
ATOM   763 N N   . ILE A 1 102 ? 8.610   6.464   -3.091  1.00 21.18 ? 103 ILE A N   1 
ATOM   764 C CA  . ILE A 1 102 ? 7.594   6.434   -4.119  1.00 21.04 ? 103 ILE A CA  1 
ATOM   765 C C   . ILE A 1 102 ? 8.161   7.214   -5.313  1.00 23.16 ? 103 ILE A C   1 
ATOM   766 O O   . ILE A 1 102 ? 8.006   6.815   -6.490  1.00 20.19 ? 103 ILE A O   1 
ATOM   767 C CB  . ILE A 1 102 ? 6.288   7.130   -3.703  1.00 19.88 ? 103 ILE A CB  1 
ATOM   768 C CG1 . ILE A 1 102 ? 5.611   6.348   -2.574  1.00 16.95 ? 103 ILE A CG1 1 
ATOM   769 C CG2 . ILE A 1 102 ? 5.329   7.230   -4.978  1.00 19.07 ? 103 ILE A CG2 1 
ATOM   770 C CD1 . ILE A 1 102 ? 4.378   7.032   -1.963  1.00 12.78 ? 103 ILE A CD1 1 
ATOM   771 N N   . LYS A 1 103 ? 8.787   8.349   -5.002  1.00 25.13 ? 104 LYS A N   1 
ATOM   772 C CA  . LYS A 1 103 ? 9.381   9.155   -6.066  1.00 27.53 ? 104 LYS A CA  1 
ATOM   773 C C   . LYS A 1 103 ? 10.465  8.338   -6.777  1.00 28.64 ? 104 LYS A C   1 
ATOM   774 O O   . LYS A 1 103 ? 10.542  8.388   -8.001  1.00 30.46 ? 104 LYS A O   1 
ATOM   775 C CB  . LYS A 1 103 ? 10.052  10.423  -5.531  1.00 28.68 ? 104 LYS A CB  1 
ATOM   776 C CG  . LYS A 1 103 ? 9.169   11.557  -5.085  1.00 30.68 ? 104 LYS A CG  1 
ATOM   777 C CD  . LYS A 1 103 ? 10.032  12.775  -4.635  1.00 31.24 ? 104 LYS A CD  1 
ATOM   778 C CE  . LYS A 1 103 ? 9.166   13.904  -4.051  1.00 33.24 ? 104 LYS A CE  1 
ATOM   779 N NZ  . LYS A 1 103 ? 9.923   15.123  -3.520  1.00 33.91 ? 104 LYS A NZ  1 
ATOM   780 N N   . GLN A 1 104 ? 11.281  7.572   -6.031  1.00 29.44 ? 105 GLN A N   1 
ATOM   781 C CA  . GLN A 1 104 ? 12.363  6.844   -6.678  1.00 29.51 ? 105 GLN A CA  1 
ATOM   782 C C   . GLN A 1 104 ? 11.847  5.804   -7.646  1.00 29.16 ? 105 GLN A C   1 
ATOM   783 O O   . GLN A 1 104 ? 12.540  5.461   -8.586  1.00 29.48 ? 105 GLN A O   1 
ATOM   784 C CB  . GLN A 1 104 ? 13.383  6.265   -5.662  1.00 29.05 ? 105 GLN A CB  1 
ATOM   785 C CG  . GLN A 1 104 ? 12.922  5.072   -4.850  1.00 32.41 ? 105 GLN A CG  1 
ATOM   786 C CD  . GLN A 1 104 ? 14.010  4.558   -3.897  1.00 33.25 ? 105 GLN A CD  1 
ATOM   787 O OE1 . GLN A 1 104 ? 14.555  5.314   -3.060  1.00 32.37 ? 105 GLN A OE1 1 
ATOM   788 N NE2 . GLN A 1 104 ? 14.327  3.270   -4.017  1.00 34.21 ? 105 GLN A NE2 1 
ATOM   789 N N   . HIS A 1 105 ? 10.611  5.357   -7.458  1.00 28.99 ? 106 HIS A N   1 
ATOM   790 C CA  . HIS A 1 105 ? 10.013  4.390   -8.361  1.00 29.72 ? 106 HIS A CA  1 
ATOM   791 C C   . HIS A 1 105 ? 9.268   5.036   -9.498  1.00 32.39 ? 106 HIS A C   1 
ATOM   792 O O   . HIS A 1 105 ? 9.164   4.456   -10.580 1.00 31.68 ? 106 HIS A O   1 
ATOM   793 C CB  . HIS A 1 105 ? 9.087   3.415   -7.622  1.00 27.79 ? 106 HIS A CB  1 
ATOM   794 C CG  . HIS A 1 105 ? 9.848   2.348   -6.911  1.00 23.35 ? 106 HIS A CG  1 
ATOM   795 N ND1 . HIS A 1 105 ? 10.112  2.395   -5.556  1.00 22.35 ? 106 HIS A ND1 1 
ATOM   796 C CD2 . HIS A 1 105 ? 10.488  1.258   -7.385  1.00 20.29 ? 106 HIS A CD2 1 
ATOM   797 C CE1 . HIS A 1 105 ? 10.875  1.369   -5.225  1.00 20.41 ? 106 HIS A CE1 1 
ATOM   798 N NE2 . HIS A 1 105 ? 11.116  0.668   -6.316  1.00 22.19 ? 106 HIS A NE2 1 
ATOM   799 N N   . LEU A 1 106 ? 8.726   6.227   -9.259  1.00 35.67 ? 107 LEU A N   1 
ATOM   800 C CA  . LEU A 1 106 ? 8.062   6.929   -10.349 1.00 38.92 ? 107 LEU A CA  1 
ATOM   801 C C   . LEU A 1 106 ? 9.159   7.284   -11.387 1.00 40.87 ? 107 LEU A C   1 
ATOM   802 O O   . LEU A 1 106 ? 8.848   7.734   -12.488 1.00 41.96 ? 107 LEU A O   1 
ATOM   803 C CB  . LEU A 1 106 ? 7.337   8.168   -9.818  1.00 36.35 ? 107 LEU A CB  1 
ATOM   804 C CG  . LEU A 1 106 ? 6.149   7.722   -8.977  1.00 35.84 ? 107 LEU A CG  1 
ATOM   805 C CD1 . LEU A 1 106 ? 5.544   8.879   -8.237  1.00 34.05 ? 107 LEU A CD1 1 
ATOM   806 C CD2 . LEU A 1 106 ? 5.129   7.077   -9.911  1.00 34.37 ? 107 LEU A CD2 1 
ATOM   807 N N   . GLU A 1 107 ? 10.427  7.055   -11.009 1.00 43.86 ? 108 GLU A N   1 
ATOM   808 C CA  . GLU A 1 107 ? 11.634  7.256   -11.843 1.00 46.93 ? 108 GLU A CA  1 
ATOM   809 C C   . GLU A 1 107 ? 11.313  7.804   -13.235 1.00 48.32 ? 108 GLU A C   1 
ATOM   810 O O   . GLU A 1 107 ? 11.674  8.977   -13.514 1.00 49.98 ? 108 GLU A O   1 
ATOM   811 C CB  . GLU A 1 107 ? 12.379  5.911   -12.017 1.00 48.07 ? 108 GLU A CB  1 
ATOM   812 C CG  . GLU A 1 107 ? 11.471  4.815   -12.652 1.00 49.92 ? 108 GLU A CG  1 
ATOM   813 C CD  . GLU A 1 107 ? 12.131  3.453   -12.862 1.00 51.28 ? 108 GLU A CD  1 
ATOM   814 O OE1 . GLU A 1 107 ? 13.287  3.432   -13.345 1.00 52.88 ? 108 GLU A OE1 1 
ATOM   815 O OE2 . GLU A 1 107 ? 11.476  2.410   -12.565 1.00 50.14 ? 108 GLU A OE2 1 
ATOM   816 O OXT . GLU A 1 107 ? 10.702  7.053   -14.044 1.00 49.19 ? 108 GLU A OXT 1 
HETATM 817 O O   . HOH B 2 .   ? -7.575  -4.881  11.756  1.00 24.46 ? 109 HOH A O   1 
HETATM 818 O O   . HOH B 2 .   ? 2.241   3.916   19.232  1.00 31.05 ? 110 HOH A O   1 
HETATM 819 O O   . HOH B 2 .   ? 8.968   4.412   8.817   1.00 27.04 ? 111 HOH A O   1 
HETATM 820 O O   . HOH B 2 .   ? 5.998   -6.143  7.649   1.00 24.66 ? 112 HOH A O   1 
HETATM 821 O O   . HOH B 2 .   ? -4.262  6.192   3.981   1.00 23.89 ? 113 HOH A O   1 
HETATM 822 O O   . HOH B 2 .   ? -8.925  -4.482  3.943   1.00 29.41 ? 114 HOH A O   1 
HETATM 823 O O   . HOH B 2 .   ? 3.184   9.906   10.333  1.00 32.34 ? 115 HOH A O   1 
HETATM 824 O O   . HOH B 2 .   ? -2.881  -5.216  -16.564 1.00 36.26 ? 116 HOH A O   1 
HETATM 825 O O   . HOH B 2 .   ? -5.243  5.802   -6.114  1.00 36.29 ? 117 HOH A O   1 
HETATM 826 O O   . HOH B 2 .   ? -7.408  -16.347 1.542   1.00 30.47 ? 118 HOH A O   1 
HETATM 827 O O   . HOH B 2 .   ? 6.269   11.309  8.816   1.00 35.55 ? 119 HOH A O   1 
HETATM 828 O O   . HOH B 2 .   ? -6.774  -12.268 -5.010  1.00 34.86 ? 120 HOH A O   1 
HETATM 829 O O   . HOH B 2 .   ? 2.736   4.672   -12.167 1.00 30.21 ? 121 HOH A O   1 
HETATM 830 O O   . HOH B 2 .   ? -12.109 -9.040  -7.500  1.00 33.27 ? 122 HOH A O   1 
HETATM 831 O O   . HOH B 2 .   ? -10.249 -12.278 3.167   1.00 31.17 ? 123 HOH A O   1 
HETATM 832 O O   . HOH B 2 .   ? -11.029 -12.214 7.439   1.00 33.11 ? 124 HOH A O   1 
HETATM 833 O O   . HOH B 2 .   ? -8.984  0.603   -8.036  1.00 42.25 ? 125 HOH A O   1 
HETATM 834 O O   . HOH B 2 .   ? -7.640  -9.457  15.093  1.00 40.77 ? 126 HOH A O   1 
HETATM 835 O O   . HOH B 2 .   ? 12.309  0.802   2.756   1.00 36.41 ? 127 HOH A O   1 
HETATM 836 O O   . HOH B 2 .   ? -6.213  -1.312  -9.337  1.00 42.73 ? 128 HOH A O   1 
HETATM 837 O O   . HOH B 2 .   ? 5.995   5.541   -14.083 1.00 43.66 ? 129 HOH A O   1 
HETATM 838 O O   . HOH B 2 .   ? 1.085   -12.346 8.207   1.00 35.06 ? 130 HOH A O   1 
HETATM 839 O O   . HOH B 2 .   ? -3.908  -11.850 10.184  1.00 48.28 ? 131 HOH A O   1 
HETATM 840 O O   . HOH B 2 .   ? -8.203  -0.708  8.856   1.00 38.78 ? 132 HOH A O   1 
HETATM 841 O O   . HOH B 2 .   ? -4.868  6.478   -9.728  1.00 35.18 ? 133 HOH A O   1 
HETATM 842 O O   . HOH B 2 .   ? -0.384  6.520   -14.922 1.00 35.88 ? 134 HOH A O   1 
HETATM 843 O O   . HOH B 2 .   ? 9.493   -3.422  -12.356 1.00 36.54 ? 135 HOH A O   1 
HETATM 844 O O   . HOH B 2 .   ? -10.545 -14.697 11.459  1.00 41.79 ? 136 HOH A O   1 
HETATM 845 O O   . HOH B 2 .   ? -11.848 -4.194  -2.980  1.00 41.41 ? 137 HOH A O   1 
HETATM 846 O O   . HOH B 2 .   ? -1.114  1.296   -17.601 1.00 37.04 ? 138 HOH A O   1 
HETATM 847 O O   . HOH B 2 .   ? 7.489   -5.923  -12.925 1.00 40.43 ? 139 HOH A O   1 
HETATM 848 O O   . HOH B 2 .   ? 11.557  12.818  -13.690 1.00 50.64 ? 140 HOH A O   1 
HETATM 849 O O   . HOH B 2 .   ? -3.353  -13.466 -3.626  1.00 44.55 ? 141 HOH A O   1 
HETATM 850 O O   . HOH B 2 .   ? 5.298   -7.313  -17.611 1.00 43.01 ? 142 HOH A O   1 
HETATM 851 O O   . HOH B 2 .   ? -9.359  -13.337 -7.456  1.00 31.90 ? 143 HOH A O   1 
HETATM 852 O O   . HOH B 2 .   ? -6.292  1.829   10.162  1.00 43.33 ? 144 HOH A O   1 
HETATM 853 O O   . HOH B 2 .   ? -3.655  -3.542  17.828  1.00 39.15 ? 145 HOH A O   1 
HETATM 854 O O   . HOH B 2 .   ? -14.992 -6.247  3.012   1.00 37.89 ? 146 HOH A O   1 
HETATM 855 O O   . HOH B 2 .   ? -11.790 -4.181  10.572  1.00 46.08 ? 147 HOH A O   1 
HETATM 856 O O   . HOH B 2 .   ? 6.134   -11.848 -6.617  1.00 45.16 ? 148 HOH A O   1 
HETATM 857 O O   . HOH B 2 .   ? 0.631   -4.262  -10.440 1.00 31.05 ? 149 HOH A O   1 
HETATM 858 O O   . HOH B 2 .   ? -13.819 -2.709  -1.375  1.00 45.04 ? 150 HOH A O   1 
HETATM 859 O O   . HOH B 2 .   ? -6.040  -5.232  15.196  1.00 49.47 ? 151 HOH A O   1 
HETATM 860 O O   . HOH B 2 .   ? 6.447   15.083  -7.465  1.00 44.49 ? 152 HOH A O   1 
# 
